data_7B6B
#
_entry.id   7B6B
#
_cell.length_a   73.258
_cell.length_b   50.511
_cell.length_c   90.148
_cell.angle_alpha   90.000
_cell.angle_beta   100.137
_cell.angle_gamma   90.000
#
_symmetry.space_group_name_H-M   'P 1 21 1'
#
loop_
_entity.id
_entity.type
_entity.pdbx_description
1 polymer 'Carbohydrate Esterase family 1 protein with an N-terminal carbohydrate binding module family 48'
2 non-polymer Trans-methylferulate
3 non-polymer 'CHLORIDE ION'
4 non-polymer 1,2-ETHANEDIOL
5 water water
#
_entity_poly.entity_id   1
_entity_poly.type   'polypeptide(L)'
_entity_poly.pdbx_seq_one_letter_code
;MGSSHHHHHHSSENLYFQGHSEEAEVGISASTNIPGAQYPQILSGNRVLFRIKAPDAKRVQVDLGKKYDMVREEEGSWAI
TTDPIVEGFHYYSILIDGVAVCDPASRTFYGMSRMASGIEIPEEGVDYYNLKNVPHGQIRQIRYFSDVTKAWRRAFVYTP
AGYDANTSQRYPVLYLQHGGGEDETGWPNQGKMDAIIDNLIAEGKAKPMIVVMDNGYAVDPSASSANSPQGLRGLFQNSA
LEKVFINEIIPLVDKEFRTIADRDHRAMAGLSMGGFQAFQIAMTNLDKFAYVGGFSGGGIIEQGGDFSKMYNNVWSDVDT
FNKRVKLIYLSIGTAEPTNMYQTVNNFHKEFEKAGIKHVYYESPGTSHEWLTWRRSLNQFAELLFK
;
_entity_poly.pdbx_strand_id   A,B
#
# COMPACT_ATOMS: atom_id res chain seq x y z
N GLU A 25 2.79 26.51 21.84
CA GLU A 25 2.46 27.27 20.64
C GLU A 25 1.56 26.46 19.71
N VAL A 26 0.99 27.14 18.72
CA VAL A 26 0.09 26.49 17.77
C VAL A 26 0.91 25.71 16.76
N GLY A 27 0.52 24.45 16.53
CA GLY A 27 1.20 23.62 15.56
C GLY A 27 0.19 22.93 14.65
N ILE A 28 0.68 22.47 13.51
CA ILE A 28 -0.12 21.75 12.53
C ILE A 28 0.29 20.29 12.54
N SER A 29 -0.66 19.40 12.74
CA SER A 29 -0.35 17.97 12.66
C SER A 29 0.07 17.63 11.24
N ALA A 30 1.19 16.92 11.09
CA ALA A 30 1.69 16.60 9.77
C ALA A 30 0.73 15.68 9.03
N SER A 31 0.72 15.81 7.69
CA SER A 31 -0.21 15.02 6.87
C SER A 31 0.12 13.54 6.88
N THR A 32 1.33 13.17 7.28
CA THR A 32 1.77 11.79 7.43
C THR A 32 1.39 11.19 8.77
N ASN A 33 0.76 11.94 9.67
CA ASN A 33 0.38 11.37 10.95
C ASN A 33 -0.73 10.34 10.73
N ILE A 34 -0.70 9.28 11.54
N ILE A 34 -0.70 9.29 11.55
CA ILE A 34 -1.84 8.37 11.62
CA ILE A 34 -1.85 8.37 11.53
C ILE A 34 -3.09 9.18 11.96
C ILE A 34 -3.09 9.13 11.98
N PRO A 35 -4.27 8.83 11.43
CA PRO A 35 -5.49 9.54 11.84
C PRO A 35 -5.68 9.56 13.36
N GLY A 36 -5.91 10.75 13.89
CA GLY A 36 -6.11 10.93 15.33
C GLY A 36 -4.84 11.29 16.08
N ALA A 37 -3.68 11.13 15.47
CA ALA A 37 -2.42 11.48 16.14
C ALA A 37 -2.15 12.97 15.99
N GLN A 38 -2.09 13.67 17.12
N GLN A 38 -2.08 13.68 17.11
CA GLN A 38 -1.84 15.14 17.14
CA GLN A 38 -1.84 15.14 17.10
C GLN A 38 -0.36 15.42 16.86
C GLN A 38 -0.35 15.44 16.87
N TYR A 39 0.52 14.53 17.31
CA TYR A 39 1.97 14.72 17.13
C TYR A 39 2.48 13.68 16.13
N PRO A 40 3.49 13.95 15.30
CA PRO A 40 4.24 15.21 15.26
C PRO A 40 3.51 16.45 14.71
N GLN A 41 3.89 17.59 15.26
CA GLN A 41 3.27 18.89 14.89
C GLN A 41 4.34 19.77 14.25
N ILE A 42 3.97 20.46 13.19
CA ILE A 42 4.89 21.40 12.52
C ILE A 42 4.62 22.78 13.09
N LEU A 43 5.65 23.36 13.68
CA LEU A 43 5.55 24.68 14.29
C LEU A 43 6.05 25.75 13.33
N SER A 44 5.90 27.00 13.75
CA SER A 44 6.39 28.11 12.94
C SER A 44 7.87 27.92 12.68
N GLY A 45 8.30 28.26 11.46
CA GLY A 45 9.66 28.06 11.06
C GLY A 45 9.98 26.64 10.64
N ASN A 46 8.99 25.76 10.58
CA ASN A 46 9.15 24.36 10.20
C ASN A 46 9.97 23.56 11.22
N ARG A 47 10.03 24.03 12.46
CA ARG A 47 10.47 23.16 13.55
C ARG A 47 9.38 22.12 13.79
N VAL A 48 9.78 20.93 14.25
CA VAL A 48 8.85 19.83 14.45
C VAL A 48 8.88 19.43 15.91
N LEU A 49 7.69 19.31 16.51
CA LEU A 49 7.51 18.83 17.87
C LEU A 49 7.12 17.36 17.82
N PHE A 50 8.02 16.51 18.32
CA PHE A 50 7.79 15.06 18.39
C PHE A 50 7.46 14.68 19.83
N ARG A 51 6.58 13.72 19.97
CA ARG A 51 6.19 13.24 21.31
C ARG A 51 5.87 11.74 21.24
N ILE A 52 6.29 11.00 22.26
CA ILE A 52 6.01 9.55 22.34
C ILE A 52 5.84 9.12 23.80
N LYS A 53 4.88 8.24 24.02
CA LYS A 53 4.66 7.63 25.35
C LYS A 53 5.63 6.48 25.53
N ALA A 54 6.53 6.61 26.48
CA ALA A 54 7.56 5.58 26.76
C ALA A 54 8.01 5.73 28.21
N PRO A 55 7.15 5.43 29.20
CA PRO A 55 7.50 5.74 30.57
C PRO A 55 8.73 5.02 31.17
N ASP A 56 9.05 3.83 30.67
CA ASP A 56 10.17 3.05 31.25
C ASP A 56 11.42 3.05 30.35
N ALA A 57 11.42 3.82 29.27
CA ALA A 57 12.61 3.86 28.41
C ALA A 57 13.76 4.58 29.11
N LYS A 58 15.00 4.17 28.78
CA LYS A 58 16.17 4.90 29.27
C LYS A 58 16.53 6.09 28.39
N ARG A 59 16.36 5.96 27.08
CA ARG A 59 16.78 7.01 26.17
C ARG A 59 15.81 6.97 25.01
N VAL A 60 15.39 8.15 24.56
CA VAL A 60 14.50 8.25 23.41
C VAL A 60 15.04 9.36 22.51
N GLN A 61 15.30 9.04 21.25
CA GLN A 61 15.81 10.00 20.28
C GLN A 61 14.91 10.01 19.05
N VAL A 62 14.96 11.12 18.31
CA VAL A 62 14.36 11.17 16.98
C VAL A 62 15.47 11.51 16.00
N ASP A 63 15.56 10.74 14.92
CA ASP A 63 16.57 10.93 13.88
C ASP A 63 15.88 11.55 12.68
N LEU A 64 16.04 12.86 12.52
CA LEU A 64 15.45 13.60 11.39
C LEU A 64 16.48 14.62 10.95
N GLY A 65 17.31 14.24 9.98
CA GLY A 65 18.44 15.06 9.59
C GLY A 65 19.64 14.80 10.47
N LYS A 66 19.43 14.95 11.78
CA LYS A 66 20.39 14.53 12.79
C LYS A 66 19.60 13.93 13.95
N LYS A 67 20.33 13.35 14.90
CA LYS A 67 19.70 12.75 16.07
C LYS A 67 19.48 13.80 17.15
N TYR A 68 18.26 13.83 17.69
CA TYR A 68 17.91 14.70 18.81
C TYR A 68 17.53 13.83 19.99
N ASP A 69 18.05 14.14 21.16
CA ASP A 69 17.57 13.48 22.36
C ASP A 69 16.26 14.11 22.80
N MET A 70 15.27 13.27 23.00
CA MET A 70 14.03 13.71 23.58
C MET A 70 14.16 13.69 25.10
N VAL A 71 13.27 14.42 25.76
CA VAL A 71 13.35 14.59 27.21
C VAL A 71 12.03 14.12 27.83
N ARG A 72 12.14 13.33 28.90
CA ARG A 72 10.97 12.71 29.52
C ARG A 72 10.19 13.73 30.34
N GLU A 73 8.89 13.84 30.07
CA GLU A 73 7.96 14.64 30.86
C GLU A 73 7.57 13.87 32.12
N GLU A 74 6.94 14.57 33.05
CA GLU A 74 6.61 13.98 34.34
C GLU A 74 5.89 12.63 34.21
N GLU A 75 4.92 12.54 33.31
CA GLU A 75 4.03 11.40 33.20
C GLU A 75 4.52 10.33 32.23
N GLY A 76 5.70 10.49 31.65
CA GLY A 76 6.28 9.40 30.89
C GLY A 76 6.21 9.52 29.37
N SER A 77 5.64 10.59 28.83
CA SER A 77 5.87 10.91 27.43
C SER A 77 7.16 11.71 27.29
N TRP A 78 7.86 11.49 26.18
CA TRP A 78 9.09 12.19 25.88
C TRP A 78 8.81 13.14 24.72
N ALA A 79 9.51 14.26 24.70
CA ALA A 79 9.28 15.28 23.68
C ALA A 79 10.58 15.97 23.30
N ILE A 80 10.59 16.50 22.08
CA ILE A 80 11.64 17.42 21.65
C ILE A 80 11.08 18.25 20.51
N THR A 81 11.56 19.49 20.39
CA THR A 81 11.33 20.34 19.23
C THR A 81 12.63 20.44 18.44
N THR A 82 12.58 20.08 17.16
CA THR A 82 13.77 20.07 16.33
C THR A 82 14.15 21.49 15.89
N ASP A 83 15.32 21.59 15.26
CA ASP A 83 15.65 22.76 14.48
C ASP A 83 14.73 22.83 13.26
N PRO A 84 14.70 23.96 12.56
CA PRO A 84 13.92 24.01 11.31
C PRO A 84 14.30 22.87 10.38
N ILE A 85 13.27 22.19 9.85
CA ILE A 85 13.45 21.08 8.91
C ILE A 85 13.17 21.62 7.52
N VAL A 86 14.01 21.24 6.55
N VAL A 86 14.02 21.25 6.55
CA VAL A 86 13.81 21.68 5.17
CA VAL A 86 13.81 21.69 5.18
C VAL A 86 12.52 21.11 4.63
C VAL A 86 12.50 21.13 4.65
N GLU A 87 11.83 21.90 3.79
CA GLU A 87 10.56 21.47 3.23
C GLU A 87 10.75 20.22 2.38
N GLY A 88 9.72 19.38 2.36
CA GLY A 88 9.71 18.17 1.56
C GLY A 88 9.35 16.96 2.42
N PHE A 89 9.69 15.79 1.88
CA PHE A 89 9.45 14.51 2.53
C PHE A 89 10.74 14.00 3.17
N HIS A 90 10.64 13.46 4.38
CA HIS A 90 11.82 12.92 5.04
C HIS A 90 11.49 11.59 5.72
N TYR A 91 12.32 10.59 5.46
CA TYR A 91 12.30 9.41 6.32
C TYR A 91 12.79 9.82 7.70
N TYR A 92 12.31 9.15 8.73
CA TYR A 92 12.85 9.40 10.06
C TYR A 92 12.64 8.16 10.93
N SER A 93 13.29 8.17 12.09
CA SER A 93 13.15 7.06 13.02
C SER A 93 13.05 7.60 14.43
N ILE A 94 12.38 6.84 15.28
CA ILE A 94 12.49 7.00 16.73
C ILE A 94 13.49 5.94 17.18
N LEU A 95 14.40 6.32 18.08
CA LEU A 95 15.33 5.36 18.66
C LEU A 95 14.99 5.21 20.13
N ILE A 96 14.64 3.99 20.55
CA ILE A 96 14.46 3.66 21.95
C ILE A 96 15.70 2.90 22.39
N ASP A 97 16.45 3.46 23.34
CA ASP A 97 17.71 2.84 23.80
C ASP A 97 18.62 2.51 22.62
N GLY A 98 18.65 3.40 21.62
CA GLY A 98 19.50 3.19 20.46
C GLY A 98 18.94 2.30 19.37
N VAL A 99 17.74 1.75 19.54
CA VAL A 99 17.13 0.88 18.53
C VAL A 99 16.23 1.72 17.64
N ALA A 100 16.57 1.78 16.35
CA ALA A 100 15.80 2.57 15.38
C ALA A 100 14.54 1.82 14.98
N VAL A 101 13.38 2.46 15.20
CA VAL A 101 12.07 1.84 14.95
C VAL A 101 11.13 2.86 14.34
N CYS A 102 9.91 2.43 14.06
CA CYS A 102 8.86 3.31 13.55
C CYS A 102 8.28 4.14 14.68
N ASP A 103 7.95 5.39 14.38
CA ASP A 103 7.18 6.22 15.28
C ASP A 103 5.73 5.74 15.26
N PRO A 104 5.16 5.31 16.39
CA PRO A 104 3.75 4.87 16.39
C PRO A 104 2.79 5.92 15.86
N ALA A 105 3.17 7.19 15.85
CA ALA A 105 2.27 8.26 15.43
C ALA A 105 2.20 8.47 13.93
N SER A 106 3.08 7.84 13.17
CA SER A 106 3.16 8.19 11.74
C SER A 106 2.89 7.01 10.83
N ARG A 107 2.63 7.35 9.58
CA ARG A 107 2.57 6.35 8.50
C ARG A 107 3.97 5.78 8.25
N THR A 108 3.99 4.62 7.61
CA THR A 108 5.28 4.00 7.22
C THR A 108 5.39 3.86 5.71
N PHE A 109 6.64 3.83 5.28
CA PHE A 109 7.03 3.79 3.88
C PHE A 109 8.19 2.81 3.77
N TYR A 110 8.27 2.11 2.66
CA TYR A 110 9.40 1.19 2.47
C TYR A 110 10.60 1.99 1.99
N GLY A 111 11.57 2.19 2.88
CA GLY A 111 12.77 2.92 2.53
C GLY A 111 13.84 2.60 3.54
N MET A 112 15.09 2.89 3.18
CA MET A 112 16.21 2.52 4.03
C MET A 112 16.20 1.02 4.33
N SER A 113 15.67 0.22 3.40
CA SER A 113 15.65 -1.23 3.46
C SER A 113 14.72 -1.80 4.53
N ARG A 114 13.72 -1.06 4.99
CA ARG A 114 12.76 -1.55 5.96
C ARG A 114 11.51 -0.67 5.89
N MET A 115 10.54 -0.95 6.75
CA MET A 115 9.45 -0.01 6.94
C MET A 115 9.95 1.11 7.84
N ALA A 116 9.84 2.34 7.35
CA ALA A 116 10.36 3.49 8.06
C ALA A 116 9.29 4.57 8.13
N SER A 117 9.30 5.32 9.23
CA SER A 117 8.41 6.47 9.34
C SER A 117 8.80 7.54 8.33
N GLY A 118 7.81 8.34 7.96
CA GLY A 118 8.07 9.49 7.11
C GLY A 118 7.27 10.67 7.61
N ILE A 119 7.80 11.86 7.34
CA ILE A 119 7.11 13.10 7.67
C ILE A 119 7.15 14.02 6.46
N GLU A 120 6.02 14.70 6.21
CA GLU A 120 5.88 15.66 5.13
C GLU A 120 5.87 17.06 5.72
N ILE A 121 6.77 17.92 5.24
CA ILE A 121 6.86 19.32 5.59
C ILE A 121 6.41 20.13 4.37
N PRO A 122 5.24 20.75 4.40
CA PRO A 122 4.72 21.41 3.20
C PRO A 122 5.59 22.55 2.70
N GLU A 123 5.57 22.73 1.37
CA GLU A 123 6.24 23.84 0.71
C GLU A 123 5.24 24.97 0.50
N GLU A 124 5.65 26.19 0.83
CA GLU A 124 4.80 27.35 0.64
C GLU A 124 4.58 27.61 -0.85
N GLY A 125 3.32 27.70 -1.25
CA GLY A 125 2.96 28.10 -2.59
C GLY A 125 3.20 27.09 -3.68
N VAL A 126 3.38 25.83 -3.33
CA VAL A 126 3.65 24.75 -4.30
C VAL A 126 2.54 23.72 -4.15
N ASP A 127 1.91 23.35 -5.27
CA ASP A 127 0.84 22.37 -5.20
C ASP A 127 0.81 21.35 -6.32
N TYR A 128 1.87 21.26 -7.15
CA TYR A 128 1.80 20.34 -8.29
C TYR A 128 1.76 18.86 -7.88
N TYR A 129 2.20 18.51 -6.67
CA TYR A 129 2.07 17.14 -6.20
C TYR A 129 0.88 16.96 -5.26
N ASN A 130 -0.03 17.93 -5.20
CA ASN A 130 -1.22 17.81 -4.37
C ASN A 130 -2.43 17.44 -5.21
N LEU A 131 -3.43 16.85 -4.55
CA LEU A 131 -4.63 16.40 -5.24
C LEU A 131 -5.49 17.61 -5.61
N LYS A 132 -5.93 17.64 -6.87
CA LYS A 132 -6.71 18.75 -7.40
C LYS A 132 -7.97 18.22 -8.05
N ASN A 133 -8.93 19.13 -8.25
CA ASN A 133 -10.19 18.82 -8.94
C ASN A 133 -9.93 18.87 -10.44
N VAL A 134 -9.27 17.82 -10.92
CA VAL A 134 -8.94 17.63 -12.33
C VAL A 134 -9.23 16.18 -12.69
N PRO A 135 -9.29 15.83 -13.97
CA PRO A 135 -9.50 14.42 -14.33
C PRO A 135 -8.36 13.56 -13.79
N HIS A 136 -8.72 12.43 -13.19
CA HIS A 136 -7.74 11.57 -12.53
C HIS A 136 -7.60 10.26 -13.29
N GLY A 137 -6.34 9.84 -13.45
CA GLY A 137 -6.06 8.48 -13.85
C GLY A 137 -6.19 7.54 -12.68
N GLN A 138 -5.63 6.35 -12.83
CA GLN A 138 -5.66 5.32 -11.79
C GLN A 138 -4.28 4.69 -11.71
N ILE A 139 -3.90 4.22 -10.53
CA ILE A 139 -2.77 3.33 -10.36
C ILE A 139 -3.32 1.95 -10.04
N ARG A 140 -2.89 0.93 -10.76
CA ARG A 140 -3.35 -0.42 -10.49
C ARG A 140 -2.18 -1.35 -10.23
N GLN A 141 -2.46 -2.39 -9.44
CA GLN A 141 -1.47 -3.42 -9.15
C GLN A 141 -1.64 -4.56 -10.15
N ILE A 142 -0.56 -4.93 -10.82
CA ILE A 142 -0.56 -6.09 -11.70
C ILE A 142 0.48 -7.10 -11.20
N ARG A 143 0.05 -8.34 -11.06
CA ARG A 143 0.94 -9.41 -10.64
C ARG A 143 1.39 -10.22 -11.84
N TYR A 144 2.62 -10.70 -11.77
CA TYR A 144 3.14 -11.58 -12.80
C TYR A 144 4.23 -12.44 -12.18
N PHE A 145 4.40 -13.65 -12.70
CA PHE A 145 5.42 -14.54 -12.20
C PHE A 145 6.65 -14.48 -13.10
N SER A 146 7.82 -14.32 -12.50
CA SER A 146 9.05 -14.12 -13.28
C SER A 146 9.80 -15.44 -13.40
N ASP A 147 10.09 -15.82 -14.63
CA ASP A 147 10.93 -16.99 -14.86
C ASP A 147 12.38 -16.73 -14.48
N VAL A 148 12.82 -15.47 -14.51
CA VAL A 148 14.19 -15.12 -14.19
C VAL A 148 14.45 -15.31 -12.70
N THR A 149 13.56 -14.76 -11.85
CA THR A 149 13.74 -14.85 -10.41
C THR A 149 12.98 -15.99 -9.78
N LYS A 150 12.11 -16.67 -10.53
CA LYS A 150 11.28 -17.74 -10.00
C LYS A 150 10.48 -17.29 -8.79
N ALA A 151 9.94 -16.07 -8.89
CA ALA A 151 9.14 -15.51 -7.82
C ALA A 151 8.03 -14.66 -8.41
N TRP A 152 6.96 -14.51 -7.62
CA TRP A 152 5.89 -13.58 -7.96
C TRP A 152 6.42 -12.16 -7.81
N ARG A 153 6.13 -11.34 -8.81
CA ARG A 153 6.48 -9.93 -8.80
C ARG A 153 5.21 -9.12 -8.99
N ARG A 154 5.32 -7.81 -8.78
CA ARG A 154 4.18 -6.96 -9.07
C ARG A 154 4.69 -5.60 -9.51
N ALA A 155 3.95 -5.01 -10.43
CA ALA A 155 4.19 -3.65 -10.86
C ALA A 155 2.96 -2.83 -10.54
N PHE A 156 3.17 -1.56 -10.25
CA PHE A 156 2.09 -0.59 -10.22
C PHE A 156 2.07 0.15 -11.54
N VAL A 157 0.90 0.28 -12.13
CA VAL A 157 0.78 0.86 -13.47
C VAL A 157 -0.24 1.99 -13.39
N TYR A 158 0.23 3.20 -13.70
CA TYR A 158 -0.64 4.36 -13.85
C TYR A 158 -1.19 4.40 -15.26
N THR A 159 -2.50 4.53 -15.35
CA THR A 159 -3.18 4.79 -16.64
C THR A 159 -3.77 6.20 -16.56
N PRO A 160 -3.78 6.97 -17.65
CA PRO A 160 -4.27 8.32 -17.60
C PRO A 160 -5.80 8.39 -17.50
N ALA A 161 -6.27 9.61 -17.21
N ALA A 161 -6.30 9.61 -17.29
CA ALA A 161 -7.71 9.84 -17.20
CA ALA A 161 -7.73 9.86 -17.06
C ALA A 161 -8.14 9.67 -18.65
C ALA A 161 -8.69 9.32 -18.13
N GLY A 162 -9.23 8.98 -18.90
N GLY A 162 -8.40 9.44 -19.40
CA GLY A 162 -9.57 8.83 -20.32
CA GLY A 162 -9.40 8.92 -20.35
C GLY A 162 -9.14 7.50 -20.88
C GLY A 162 -9.12 7.52 -20.85
N TYR A 163 -8.37 6.73 -20.08
CA TYR A 163 -7.97 5.37 -20.52
C TYR A 163 -9.17 4.50 -20.87
N ASP A 164 -10.16 4.42 -20.00
CA ASP A 164 -11.30 3.52 -20.32
C ASP A 164 -12.27 4.17 -21.30
N ALA A 165 -12.27 5.48 -21.38
CA ALA A 165 -13.23 6.16 -22.24
C ALA A 165 -12.81 6.13 -23.70
N ASN A 166 -11.51 6.20 -23.98
CA ASN A 166 -11.00 6.43 -25.33
C ASN A 166 -10.30 5.17 -25.85
N THR A 167 -11.10 4.16 -26.19
CA THR A 167 -10.54 2.85 -26.50
C THR A 167 -9.83 2.79 -27.84
N SER A 168 -10.00 3.79 -28.70
N SER A 168 -9.99 3.79 -28.71
CA SER A 168 -9.24 3.86 -29.95
CA SER A 168 -9.24 3.86 -29.95
C SER A 168 -7.90 4.57 -29.78
C SER A 168 -7.90 4.57 -29.78
N GLN A 169 -7.59 5.06 -28.58
CA GLN A 169 -6.34 5.75 -28.30
C GLN A 169 -5.37 4.77 -27.63
N ARG A 170 -4.09 4.91 -27.98
CA ARG A 170 -3.01 4.20 -27.30
C ARG A 170 -2.05 5.22 -26.73
N TYR A 171 -1.13 4.77 -25.87
CA TYR A 171 -0.36 5.69 -25.07
C TYR A 171 1.12 5.32 -25.03
N PRO A 172 2.00 6.31 -24.94
CA PRO A 172 3.42 6.04 -24.64
C PRO A 172 3.57 5.62 -23.20
N VAL A 173 4.73 5.04 -22.88
CA VAL A 173 4.99 4.42 -21.58
C VAL A 173 6.30 4.91 -21.00
N LEU A 174 6.26 5.31 -19.74
CA LEU A 174 7.43 5.61 -18.91
C LEU A 174 7.61 4.48 -17.89
N TYR A 175 8.79 3.87 -17.88
CA TYR A 175 9.18 2.90 -16.85
C TYR A 175 9.98 3.66 -15.81
N LEU A 176 9.47 3.68 -14.56
CA LEU A 176 9.91 4.60 -13.51
C LEU A 176 10.34 3.81 -12.27
N GLN A 177 11.62 3.94 -11.88
CA GLN A 177 12.22 3.09 -10.87
C GLN A 177 12.62 3.85 -9.60
N HIS A 178 12.48 3.14 -8.49
CA HIS A 178 12.77 3.62 -7.15
C HIS A 178 14.27 3.52 -6.84
N GLY A 179 14.64 3.96 -5.64
CA GLY A 179 16.03 3.94 -5.24
C GLY A 179 16.43 2.71 -4.44
N GLY A 180 17.72 2.65 -4.11
CA GLY A 180 18.19 1.58 -3.25
C GLY A 180 17.50 1.64 -1.90
N GLY A 181 17.16 0.47 -1.36
CA GLY A 181 16.46 0.41 -0.09
C GLY A 181 14.97 0.70 -0.18
N GLU A 182 14.44 0.90 -1.37
CA GLU A 182 13.02 1.15 -1.59
C GLU A 182 12.43 0.00 -2.39
N ASP A 183 11.16 0.15 -2.77
CA ASP A 183 10.51 -0.86 -3.59
C ASP A 183 9.50 -0.18 -4.50
N GLU A 184 8.67 -0.99 -5.17
CA GLU A 184 7.75 -0.50 -6.17
C GLU A 184 6.66 0.39 -5.58
N THR A 185 6.46 0.41 -4.27
CA THR A 185 5.49 1.32 -3.66
C THR A 185 6.02 2.74 -3.52
N GLY A 186 7.28 2.98 -3.87
CA GLY A 186 7.90 4.28 -3.62
C GLY A 186 7.27 5.41 -4.42
N TRP A 187 7.22 5.27 -5.74
CA TRP A 187 6.65 6.35 -6.56
C TRP A 187 5.17 6.60 -6.27
N PRO A 188 4.32 5.58 -6.07
CA PRO A 188 2.92 5.87 -5.71
C PRO A 188 2.75 6.54 -4.36
N ASN A 189 3.64 6.29 -3.41
CA ASN A 189 3.47 6.80 -2.05
C ASN A 189 4.36 8.02 -1.83
N GLN A 190 5.62 7.81 -1.44
CA GLN A 190 6.57 8.91 -1.28
C GLN A 190 6.58 9.85 -2.48
N GLY A 191 6.44 9.31 -3.68
CA GLY A 191 6.58 10.12 -4.87
C GLY A 191 5.35 10.88 -5.29
N LYS A 192 4.20 10.59 -4.68
CA LYS A 192 2.94 11.25 -5.04
C LYS A 192 2.74 11.29 -6.55
N MET A 193 3.10 10.19 -7.23
CA MET A 193 3.25 10.27 -8.68
C MET A 193 1.92 10.52 -9.39
N ASP A 194 0.81 10.04 -8.84
CA ASP A 194 -0.46 10.19 -9.54
C ASP A 194 -0.92 11.64 -9.55
N ALA A 195 -0.68 12.37 -8.47
CA ALA A 195 -0.98 13.80 -8.46
C ALA A 195 -0.10 14.51 -9.47
N ILE A 196 1.21 14.21 -9.48
CA ILE A 196 2.13 14.90 -10.38
C ILE A 196 1.70 14.69 -11.82
N ILE A 197 1.42 13.44 -12.20
CA ILE A 197 1.11 13.14 -13.58
C ILE A 197 -0.31 13.57 -13.95
N ASP A 198 -1.30 13.32 -13.08
CA ASP A 198 -2.65 13.82 -13.33
C ASP A 198 -2.61 15.32 -13.59
N ASN A 199 -1.89 16.06 -12.74
CA ASN A 199 -1.90 17.52 -12.88
C ASN A 199 -1.21 17.96 -14.16
N LEU A 200 -0.08 17.34 -14.53
CA LEU A 200 0.61 17.74 -15.75
C LEU A 200 -0.26 17.48 -16.97
N ILE A 201 -0.90 16.32 -17.02
CA ILE A 201 -1.74 15.98 -18.16
C ILE A 201 -2.94 16.91 -18.23
N ALA A 202 -3.57 17.17 -17.10
CA ALA A 202 -4.77 18.05 -17.08
C ALA A 202 -4.44 19.46 -17.59
N GLU A 203 -3.26 19.96 -17.30
CA GLU A 203 -2.82 21.32 -17.70
C GLU A 203 -2.26 21.34 -19.11
N GLY A 204 -2.16 20.19 -19.77
CA GLY A 204 -1.63 20.13 -21.15
C GLY A 204 -0.11 20.24 -21.21
N LYS A 205 0.55 20.05 -20.08
CA LYS A 205 2.03 20.20 -20.06
C LYS A 205 2.72 18.86 -20.32
N ALA A 206 2.03 17.76 -20.09
CA ALA A 206 2.59 16.45 -20.46
C ALA A 206 1.58 15.71 -21.31
N LYS A 207 2.09 14.92 -22.24
CA LYS A 207 1.21 14.09 -23.03
C LYS A 207 0.61 12.99 -22.15
N PRO A 208 -0.63 12.59 -22.42
CA PRO A 208 -1.19 11.42 -21.73
C PRO A 208 -0.25 10.23 -21.89
N MET A 209 0.00 9.54 -20.79
CA MET A 209 0.99 8.48 -20.78
C MET A 209 0.65 7.46 -19.71
N ILE A 210 1.17 6.25 -19.90
CA ILE A 210 1.15 5.17 -18.93
C ILE A 210 2.49 5.18 -18.20
N VAL A 211 2.46 4.90 -16.90
CA VAL A 211 3.70 4.83 -16.11
C VAL A 211 3.74 3.50 -15.40
N VAL A 212 4.86 2.78 -15.55
CA VAL A 212 5.04 1.44 -14.98
C VAL A 212 6.12 1.53 -13.91
N MET A 213 5.78 1.10 -12.70
CA MET A 213 6.68 1.17 -11.56
C MET A 213 6.88 -0.24 -11.03
N ASP A 214 8.09 -0.76 -11.18
CA ASP A 214 8.38 -2.14 -10.77
C ASP A 214 9.47 -2.11 -9.70
N ASN A 215 10.07 -3.27 -9.44
CA ASN A 215 11.00 -3.46 -8.34
C ASN A 215 12.41 -3.58 -8.91
N GLY A 216 13.35 -2.82 -8.33
CA GLY A 216 14.70 -2.75 -8.83
C GLY A 216 15.62 -3.85 -8.37
N TYR A 217 15.10 -4.90 -7.75
CA TYR A 217 15.90 -6.05 -7.32
C TYR A 217 15.43 -7.28 -8.07
N ALA A 218 16.38 -8.14 -8.45
CA ALA A 218 16.09 -9.39 -9.14
C ALA A 218 17.08 -10.41 -8.60
N VAL A 219 16.69 -11.06 -7.52
CA VAL A 219 17.59 -11.94 -6.78
C VAL A 219 17.68 -13.28 -7.48
N ASP A 220 18.89 -13.82 -7.55
CA ASP A 220 19.09 -15.08 -8.23
C ASP A 220 18.36 -16.18 -7.45
N PRO A 221 17.70 -17.11 -8.14
CA PRO A 221 16.96 -18.15 -7.41
C PRO A 221 17.83 -19.05 -6.56
N SER A 222 19.14 -19.12 -6.83
CA SER A 222 20.06 -19.94 -6.07
C SER A 222 20.81 -19.16 -4.99
N ALA A 223 20.42 -17.91 -4.74
CA ALA A 223 21.05 -17.09 -3.70
C ALA A 223 20.52 -17.46 -2.32
N SER A 224 21.41 -17.36 -1.33
CA SER A 224 21.02 -17.50 0.08
C SER A 224 22.17 -17.11 1.01
N PHE A 236 25.61 0.06 -9.98
CA PHE A 236 24.58 -0.96 -9.84
C PHE A 236 24.27 -1.61 -11.19
N GLN A 237 24.87 -2.77 -11.46
CA GLN A 237 24.61 -3.50 -12.69
C GLN A 237 24.11 -4.91 -12.35
N ASN A 238 22.99 -5.29 -12.96
CA ASN A 238 22.34 -6.57 -12.67
C ASN A 238 21.81 -7.11 -13.98
N SER A 239 22.46 -8.17 -14.48
CA SER A 239 22.00 -8.80 -15.71
C SER A 239 20.60 -9.38 -15.54
N ALA A 240 20.29 -9.91 -14.35
CA ALA A 240 18.98 -10.50 -14.13
C ALA A 240 17.88 -9.46 -14.21
N LEU A 241 18.10 -8.28 -13.64
CA LEU A 241 17.08 -7.23 -13.72
C LEU A 241 16.84 -6.80 -15.17
N GLU A 242 17.91 -6.68 -15.96
CA GLU A 242 17.74 -6.35 -17.37
C GLU A 242 16.88 -7.39 -18.08
N LYS A 243 17.10 -8.67 -17.78
CA LYS A 243 16.29 -9.72 -18.39
C LYS A 243 14.82 -9.62 -17.95
N VAL A 244 14.58 -9.29 -16.68
CA VAL A 244 13.21 -9.09 -16.22
C VAL A 244 12.54 -8.00 -17.04
N PHE A 245 13.21 -6.85 -17.20
CA PHE A 245 12.57 -5.76 -17.95
C PHE A 245 12.38 -6.12 -19.42
N ILE A 246 13.43 -6.63 -20.05
CA ILE A 246 13.40 -6.81 -21.50
C ILE A 246 12.53 -8.01 -21.89
N ASN A 247 12.62 -9.10 -21.15
CA ASN A 247 11.93 -10.32 -21.53
C ASN A 247 10.58 -10.49 -20.85
N GLU A 248 10.30 -9.75 -19.78
CA GLU A 248 9.06 -9.95 -19.03
C GLU A 248 8.22 -8.70 -18.89
N ILE A 249 8.75 -7.62 -18.30
CA ILE A 249 7.91 -6.46 -17.98
C ILE A 249 7.42 -5.75 -19.24
N ILE A 250 8.35 -5.37 -20.12
CA ILE A 250 7.94 -4.65 -21.32
C ILE A 250 6.96 -5.46 -22.17
N PRO A 251 7.21 -6.73 -22.50
CA PRO A 251 6.20 -7.48 -23.25
C PRO A 251 4.87 -7.59 -22.54
N LEU A 252 4.90 -7.76 -21.21
CA LEU A 252 3.64 -7.88 -20.47
C LEU A 252 2.83 -6.60 -20.58
N VAL A 253 3.49 -5.45 -20.40
CA VAL A 253 2.79 -4.18 -20.44
C VAL A 253 2.25 -3.91 -21.84
N ASP A 254 3.04 -4.23 -22.85
CA ASP A 254 2.64 -3.99 -24.25
C ASP A 254 1.46 -4.91 -24.63
N LYS A 255 1.35 -6.04 -23.98
CA LYS A 255 0.21 -6.94 -24.27
C LYS A 255 -1.03 -6.56 -23.46
N GLU A 256 -0.88 -6.18 -22.21
CA GLU A 256 -2.05 -5.99 -21.33
C GLU A 256 -2.61 -4.57 -21.37
N PHE A 257 -1.83 -3.62 -21.86
CA PHE A 257 -2.26 -2.23 -21.94
C PHE A 257 -2.20 -1.73 -23.38
N ARG A 258 -2.93 -0.67 -23.64
CA ARG A 258 -2.99 -0.10 -24.99
C ARG A 258 -1.81 0.86 -25.15
N THR A 259 -0.65 0.31 -25.48
CA THR A 259 0.57 1.10 -25.57
C THR A 259 0.95 1.34 -27.02
N ILE A 260 1.75 2.39 -27.22
CA ILE A 260 2.44 2.60 -28.48
C ILE A 260 3.81 1.97 -28.29
N ALA A 261 3.99 0.77 -28.85
CA ALA A 261 5.14 -0.07 -28.51
C ALA A 261 6.32 0.17 -29.46
N ASP A 262 6.98 1.31 -29.26
CA ASP A 262 8.17 1.64 -30.02
C ASP A 262 9.01 2.63 -29.22
N ARG A 263 10.28 2.79 -29.64
CA ARG A 263 11.24 3.53 -28.83
C ARG A 263 10.89 5.02 -28.72
N ASP A 264 10.21 5.58 -29.73
CA ASP A 264 9.84 6.99 -29.67
C ASP A 264 8.73 7.23 -28.65
N HIS A 265 8.16 6.17 -28.12
CA HIS A 265 7.08 6.24 -27.15
C HIS A 265 7.39 5.39 -25.94
N ARG A 266 8.68 5.21 -25.64
CA ARG A 266 9.10 4.42 -24.48
C ARG A 266 10.26 5.13 -23.80
N ALA A 267 10.13 5.32 -22.50
CA ALA A 267 11.11 6.04 -21.70
C ALA A 267 11.44 5.21 -20.46
N MET A 268 12.64 5.39 -19.92
CA MET A 268 12.98 4.79 -18.65
C MET A 268 13.73 5.81 -17.78
N ALA A 269 13.36 5.86 -16.51
CA ALA A 269 14.01 6.76 -15.58
C ALA A 269 13.97 6.15 -14.19
N GLY A 270 14.82 6.66 -13.32
CA GLY A 270 14.77 6.21 -11.93
C GLY A 270 15.59 7.13 -11.07
N LEU A 271 15.42 6.96 -9.76
CA LEU A 271 16.17 7.74 -8.78
C LEU A 271 17.25 6.88 -8.14
N SER A 272 18.39 7.52 -7.83
N SER A 272 18.38 7.52 -7.83
CA SER A 272 19.52 6.84 -7.20
CA SER A 272 19.55 6.85 -7.24
C SER A 272 19.83 5.54 -7.94
C SER A 272 19.87 5.54 -7.95
N MET A 273 19.81 4.40 -7.24
CA MET A 273 20.03 3.11 -7.89
C MET A 273 19.20 2.95 -9.16
N GLY A 274 17.93 3.36 -9.10
CA GLY A 274 17.07 3.25 -10.27
C GLY A 274 17.51 4.10 -11.45
N GLY A 275 18.19 5.22 -11.19
CA GLY A 275 18.77 6.00 -12.27
C GLY A 275 19.94 5.29 -12.93
N PHE A 276 20.84 4.69 -12.13
CA PHE A 276 21.89 3.87 -12.71
C PHE A 276 21.29 2.73 -13.53
N GLN A 277 20.21 2.12 -13.04
CA GLN A 277 19.58 1.04 -13.77
C GLN A 277 18.94 1.52 -15.06
N ALA A 278 18.29 2.69 -15.02
CA ALA A 278 17.68 3.23 -16.23
C ALA A 278 18.72 3.43 -17.32
N PHE A 279 19.89 3.97 -16.96
CA PHE A 279 20.93 4.15 -17.97
C PHE A 279 21.48 2.81 -18.43
N GLN A 280 21.73 1.89 -17.50
CA GLN A 280 22.28 0.60 -17.91
C GLN A 280 21.34 -0.13 -18.86
N ILE A 281 20.05 -0.18 -18.52
CA ILE A 281 19.09 -0.92 -19.32
C ILE A 281 18.81 -0.21 -20.64
N ALA A 282 18.57 1.11 -20.59
CA ALA A 282 18.22 1.80 -21.82
C ALA A 282 19.41 1.88 -22.78
N MET A 283 20.60 2.17 -22.26
CA MET A 283 21.76 2.34 -23.14
C MET A 283 22.19 1.04 -23.80
N THR A 284 21.89 -0.11 -23.20
CA THR A 284 22.20 -1.39 -23.81
C THR A 284 21.01 -2.00 -24.52
N ASN A 285 19.87 -1.30 -24.56
CA ASN A 285 18.71 -1.72 -25.33
C ASN A 285 18.13 -0.49 -26.01
N LEU A 286 19.00 0.24 -26.72
CA LEU A 286 18.64 1.55 -27.25
C LEU A 286 17.59 1.47 -28.35
N ASP A 287 17.45 0.33 -29.00
CA ASP A 287 16.37 0.18 -29.97
C ASP A 287 15.00 0.19 -29.32
N LYS A 288 14.94 0.11 -27.99
CA LYS A 288 13.68 0.10 -27.28
C LYS A 288 13.34 1.38 -26.53
N PHE A 289 14.29 2.30 -26.35
CA PHE A 289 14.05 3.53 -25.59
C PHE A 289 14.72 4.70 -26.28
N ALA A 290 14.00 5.82 -26.39
CA ALA A 290 14.58 7.06 -26.90
C ALA A 290 14.71 8.14 -25.83
N TYR A 291 14.23 7.89 -24.60
CA TYR A 291 14.21 8.86 -23.51
C TYR A 291 14.73 8.18 -22.25
N VAL A 292 15.71 8.81 -21.58
N VAL A 292 15.70 8.82 -21.60
CA VAL A 292 16.33 8.19 -20.41
CA VAL A 292 16.35 8.24 -20.43
C VAL A 292 16.62 9.25 -19.36
C VAL A 292 16.52 9.33 -19.37
N GLY A 293 16.25 8.96 -18.11
CA GLY A 293 16.45 9.90 -17.02
C GLY A 293 17.06 9.29 -15.78
N GLY A 294 17.96 10.05 -15.16
CA GLY A 294 18.55 9.65 -13.89
C GLY A 294 18.39 10.77 -12.88
N PHE A 295 17.69 10.51 -11.79
CA PHE A 295 17.39 11.51 -10.76
C PHE A 295 18.28 11.16 -9.57
N SER A 296 19.34 11.92 -9.35
CA SER A 296 20.31 11.58 -8.30
C SER A 296 20.96 10.21 -8.54
N GLY A 297 21.09 9.86 -9.79
CA GLY A 297 21.66 8.57 -10.17
C GLY A 297 22.06 8.60 -11.62
N GLY A 298 22.96 7.71 -11.99
CA GLY A 298 23.64 7.72 -13.28
C GLY A 298 25.03 8.22 -12.97
N GLY A 299 26.06 7.59 -13.46
CA GLY A 299 27.40 8.07 -13.09
C GLY A 299 28.47 7.11 -13.51
N ILE A 300 29.71 7.47 -13.19
CA ILE A 300 31.01 6.82 -13.56
C ILE A 300 31.08 6.83 -15.07
N ASP A 306 37.30 3.56 -19.82
CA ASP A 306 36.90 4.91 -19.35
C ASP A 306 35.47 5.24 -19.79
N PHE A 307 35.15 6.54 -19.77
CA PHE A 307 33.82 7.09 -20.11
C PHE A 307 33.42 6.86 -21.56
N SER A 308 34.32 7.04 -22.53
CA SER A 308 33.92 6.92 -23.96
C SER A 308 33.48 5.51 -24.38
N LYS A 309 33.87 4.51 -23.61
CA LYS A 309 33.60 3.11 -23.97
C LYS A 309 32.44 2.54 -23.15
N MET A 310 31.79 3.36 -22.31
CA MET A 310 30.68 2.90 -21.44
C MET A 310 29.53 2.29 -22.22
N TYR A 311 28.87 1.29 -21.63
CA TYR A 311 27.68 0.62 -22.21
C TYR A 311 27.99 0.08 -23.61
N ASN A 312 29.06 -0.70 -23.67
CA ASN A 312 29.48 -1.36 -24.91
C ASN A 312 29.62 -0.36 -26.05
N ASN A 313 30.36 0.71 -25.80
CA ASN A 313 30.67 1.75 -26.81
C ASN A 313 29.43 2.36 -27.44
N VAL A 314 28.36 2.53 -26.68
CA VAL A 314 27.10 3.08 -27.23
C VAL A 314 27.32 4.51 -27.74
N TRP A 315 28.19 5.30 -27.10
CA TRP A 315 28.39 6.68 -27.54
C TRP A 315 29.80 6.89 -28.11
N SER A 316 30.33 5.88 -28.77
CA SER A 316 31.62 5.99 -29.49
C SER A 316 31.54 7.15 -30.47
N ASP A 317 30.49 7.18 -31.28
CA ASP A 317 30.22 8.23 -32.29
C ASP A 317 29.16 9.18 -31.70
N VAL A 318 29.58 10.31 -31.17
CA VAL A 318 28.68 11.17 -30.43
C VAL A 318 27.61 11.77 -31.34
N ASP A 319 27.98 12.15 -32.56
CA ASP A 319 27.02 12.81 -33.45
C ASP A 319 25.88 11.87 -33.81
N THR A 320 26.19 10.62 -34.14
CA THR A 320 25.13 9.65 -34.40
C THR A 320 24.32 9.37 -33.13
N PHE A 321 25.01 9.27 -31.99
CA PHE A 321 24.34 8.98 -30.70
C PHE A 321 23.32 10.07 -30.36
N ASN A 322 23.70 11.32 -30.55
CA ASN A 322 22.78 12.45 -30.28
C ASN A 322 21.53 12.34 -31.16
N LYS A 323 21.69 11.80 -32.36
CA LYS A 323 20.52 11.69 -33.26
C LYS A 323 19.63 10.51 -32.88
N ARG A 324 20.17 9.54 -32.15
CA ARG A 324 19.42 8.32 -31.76
C ARG A 324 18.62 8.59 -30.48
N VAL A 325 19.12 9.47 -29.64
CA VAL A 325 18.45 9.66 -28.32
C VAL A 325 17.66 10.96 -28.31
N LYS A 326 16.39 10.91 -27.97
CA LYS A 326 15.59 12.15 -27.98
C LYS A 326 15.74 12.91 -26.66
N LEU A 327 16.04 12.25 -25.55
CA LEU A 327 16.25 12.96 -24.30
C LEU A 327 17.14 12.15 -23.37
N ILE A 328 18.18 12.80 -22.84
CA ILE A 328 18.92 12.33 -21.68
C ILE A 328 18.76 13.39 -20.61
N TYR A 329 18.28 12.98 -19.44
CA TYR A 329 17.97 13.92 -18.35
C TYR A 329 18.72 13.47 -17.10
N LEU A 330 19.41 14.40 -16.45
CA LEU A 330 20.10 14.13 -15.19
C LEU A 330 19.69 15.20 -14.18
N SER A 331 19.42 14.81 -12.95
CA SER A 331 19.15 15.78 -11.90
C SER A 331 19.87 15.40 -10.61
N ILE A 332 19.97 16.38 -9.72
CA ILE A 332 20.67 16.23 -8.45
C ILE A 332 20.21 17.35 -7.54
N GLY A 333 20.13 17.08 -6.25
CA GLY A 333 19.87 18.15 -5.30
C GLY A 333 21.15 18.93 -4.98
N THR A 334 21.02 20.25 -4.82
CA THR A 334 22.21 21.04 -4.50
C THR A 334 22.81 20.65 -3.16
N ALA A 335 22.00 20.13 -2.24
CA ALA A 335 22.45 19.86 -0.88
C ALA A 335 22.74 18.38 -0.64
N GLU A 336 22.88 17.59 -1.70
CA GLU A 336 23.12 16.17 -1.51
C GLU A 336 24.51 15.94 -0.91
N PRO A 337 24.71 14.82 -0.22
CA PRO A 337 26.06 14.45 0.23
C PRO A 337 27.05 14.52 -0.93
N THR A 338 28.29 14.91 -0.60
CA THR A 338 29.26 15.25 -1.63
C THR A 338 29.49 14.10 -2.60
N ASN A 339 29.58 12.87 -2.10
CA ASN A 339 29.85 11.75 -3.01
C ASN A 339 28.73 11.58 -4.03
N MET A 340 27.49 11.81 -3.61
CA MET A 340 26.35 11.67 -4.52
C MET A 340 26.26 12.85 -5.46
N TYR A 341 26.39 14.08 -4.93
CA TYR A 341 26.35 15.25 -5.79
C TYR A 341 27.43 15.18 -6.86
N GLN A 342 28.67 14.90 -6.45
CA GLN A 342 29.78 14.92 -7.39
C GLN A 342 29.70 13.80 -8.42
N THR A 343 29.12 12.65 -8.05
CA THR A 343 28.96 11.57 -9.02
C THR A 343 28.10 12.01 -10.20
N VAL A 344 26.94 12.61 -9.91
CA VAL A 344 26.06 13.05 -11.00
C VAL A 344 26.63 14.25 -11.72
N ASN A 345 27.20 15.21 -10.98
CA ASN A 345 27.81 16.35 -11.63
C ASN A 345 28.93 15.92 -12.58
N ASN A 346 29.72 14.91 -12.18
CA ASN A 346 30.81 14.44 -13.02
C ASN A 346 30.29 13.75 -14.28
N PHE A 347 29.18 13.00 -14.17
CA PHE A 347 28.56 12.38 -15.34
C PHE A 347 28.13 13.45 -16.33
N HIS A 348 27.47 14.49 -15.82
CA HIS A 348 27.11 15.67 -16.62
C HIS A 348 28.35 16.29 -17.28
N LYS A 349 29.44 16.43 -16.54
N LYS A 349 29.44 16.44 -16.53
CA LYS A 349 30.65 17.02 -17.12
CA LYS A 349 30.67 17.00 -17.10
C LYS A 349 31.25 16.13 -18.19
C LYS A 349 31.21 16.13 -18.22
N GLU A 350 31.16 14.81 -18.05
CA GLU A 350 31.62 13.93 -19.11
C GLU A 350 30.78 14.09 -20.36
N PHE A 351 29.48 14.30 -20.17
CA PHE A 351 28.61 14.55 -21.35
C PHE A 351 29.04 15.87 -22.02
N GLU A 352 29.35 16.88 -21.21
CA GLU A 352 29.78 18.22 -21.73
C GLU A 352 31.09 18.05 -22.49
N LYS A 353 32.01 17.24 -21.97
CA LYS A 353 33.32 17.02 -22.64
C LYS A 353 33.14 16.26 -23.96
N ALA A 354 32.22 15.32 -23.99
CA ALA A 354 32.00 14.47 -25.17
C ALA A 354 31.11 15.15 -26.20
N GLY A 355 30.31 16.12 -25.80
CA GLY A 355 29.34 16.72 -26.72
C GLY A 355 28.01 15.98 -26.76
N ILE A 356 27.73 15.23 -25.71
CA ILE A 356 26.45 14.47 -25.63
C ILE A 356 25.36 15.41 -25.12
N LYS A 357 24.33 15.63 -25.93
CA LYS A 357 23.23 16.53 -25.58
C LYS A 357 22.39 15.96 -24.44
N HIS A 358 22.10 16.81 -23.47
CA HIS A 358 21.31 16.37 -22.30
C HIS A 358 20.76 17.58 -21.55
N VAL A 359 19.82 17.29 -20.69
CA VAL A 359 19.28 18.27 -19.75
C VAL A 359 19.85 17.93 -18.39
N TYR A 360 20.37 18.94 -17.69
CA TYR A 360 20.91 18.79 -16.35
C TYR A 360 20.19 19.76 -15.43
N TYR A 361 19.64 19.27 -14.33
CA TYR A 361 18.87 20.11 -13.41
C TYR A 361 19.39 19.93 -12.00
N GLU A 362 19.65 21.04 -11.31
CA GLU A 362 19.98 21.03 -9.89
C GLU A 362 18.77 21.53 -9.09
N SER A 363 18.26 20.68 -8.21
CA SER A 363 17.07 21.05 -7.45
C SER A 363 17.50 21.92 -6.27
N PRO A 364 17.07 23.18 -6.20
CA PRO A 364 17.63 24.11 -5.21
C PRO A 364 17.24 23.73 -3.79
N GLY A 365 18.25 23.56 -2.95
CA GLY A 365 18.05 23.44 -1.52
C GLY A 365 17.71 22.06 -1.00
N THR A 366 17.60 21.06 -1.87
CA THR A 366 17.17 19.74 -1.46
C THR A 366 18.32 18.75 -1.55
N SER A 367 18.17 17.65 -0.82
CA SER A 367 19.21 16.66 -0.67
C SER A 367 18.80 15.36 -1.36
N HIS A 368 19.33 14.24 -0.91
CA HIS A 368 19.06 12.93 -1.53
C HIS A 368 17.76 12.39 -0.94
N GLU A 369 16.67 13.08 -1.28
CA GLU A 369 15.37 12.88 -0.64
C GLU A 369 14.26 13.14 -1.65
N TRP A 370 13.04 12.72 -1.29
CA TRP A 370 11.97 12.60 -2.27
C TRP A 370 11.53 13.91 -2.93
N LEU A 371 11.67 15.06 -2.28
CA LEU A 371 11.28 16.28 -2.97
C LEU A 371 12.12 16.51 -4.22
N THR A 372 13.42 16.19 -4.17
CA THR A 372 14.27 16.26 -5.36
C THR A 372 13.68 15.43 -6.49
N TRP A 373 13.13 14.26 -6.13
CA TRP A 373 12.67 13.31 -7.12
C TRP A 373 11.27 13.64 -7.62
N ARG A 374 10.41 14.21 -6.78
CA ARG A 374 9.14 14.76 -7.26
C ARG A 374 9.37 15.89 -8.26
N ARG A 375 10.29 16.80 -7.96
CA ARG A 375 10.60 17.88 -8.89
C ARG A 375 11.13 17.31 -10.20
N SER A 376 11.99 16.29 -10.10
CA SER A 376 12.58 15.69 -11.29
C SER A 376 11.52 15.03 -12.17
N LEU A 377 10.59 14.29 -11.56
CA LEU A 377 9.51 13.67 -12.36
C LEU A 377 8.67 14.74 -13.03
N ASN A 378 8.36 15.82 -12.32
CA ASN A 378 7.55 16.89 -12.90
C ASN A 378 8.23 17.45 -14.15
N GLN A 379 9.53 17.68 -14.09
CA GLN A 379 10.25 18.22 -15.25
C GLN A 379 10.39 17.18 -16.36
N PHE A 380 10.80 15.96 -15.99
CA PHE A 380 11.06 14.93 -16.99
C PHE A 380 9.80 14.58 -17.77
N ALA A 381 8.68 14.42 -17.07
CA ALA A 381 7.45 14.05 -17.74
C ALA A 381 7.01 15.11 -18.75
N GLU A 382 7.27 16.39 -18.45
CA GLU A 382 6.90 17.46 -19.37
C GLU A 382 7.67 17.37 -20.69
N LEU A 383 8.87 16.80 -20.65
CA LEU A 383 9.74 16.69 -21.82
C LEU A 383 9.47 15.45 -22.65
N LEU A 384 8.74 14.46 -22.12
CA LEU A 384 8.68 13.15 -22.75
C LEU A 384 7.81 13.15 -24.00
N PHE A 385 8.24 12.37 -24.99
CA PHE A 385 7.43 12.02 -26.14
C PHE A 385 7.14 13.24 -27.02
N LYS A 386 8.09 14.18 -27.00
CA LYS A 386 8.09 15.36 -27.83
C LYS A 386 9.47 15.44 -28.47
N GLU B 25 16.09 -25.81 15.54
CA GLU B 25 17.27 -24.98 15.39
C GLU B 25 17.09 -23.93 14.30
N VAL B 26 16.76 -24.39 13.09
CA VAL B 26 16.55 -23.51 11.94
C VAL B 26 15.18 -23.78 11.35
N GLY B 27 14.52 -22.70 10.93
CA GLY B 27 13.19 -22.79 10.36
C GLY B 27 13.11 -22.06 9.03
N ILE B 28 11.89 -21.65 8.70
CA ILE B 28 11.61 -20.94 7.46
C ILE B 28 11.28 -19.50 7.81
N SER B 29 11.93 -18.56 7.12
CA SER B 29 11.63 -17.15 7.31
C SER B 29 10.15 -16.91 7.00
N ALA B 30 9.49 -16.14 7.86
CA ALA B 30 8.09 -15.84 7.63
C ALA B 30 7.91 -15.02 6.36
N SER B 31 6.76 -15.21 5.71
CA SER B 31 6.53 -14.54 4.43
C SER B 31 6.35 -13.04 4.60
N THR B 32 6.09 -12.59 5.83
CA THR B 32 5.95 -11.19 6.18
C THR B 32 7.28 -10.50 6.49
N ASN B 33 8.40 -11.23 6.48
CA ASN B 33 9.68 -10.59 6.70
C ASN B 33 9.99 -9.61 5.58
N ILE B 34 10.66 -8.51 5.93
N ILE B 34 10.67 -8.52 5.93
CA ILE B 34 11.14 -7.59 4.90
CA ILE B 34 11.21 -7.58 4.96
C ILE B 34 12.20 -8.33 4.09
C ILE B 34 12.22 -8.32 4.10
N PRO B 35 12.37 -8.00 2.81
CA PRO B 35 13.38 -8.69 2.01
C PRO B 35 14.76 -8.65 2.65
N GLY B 36 15.40 -9.83 2.72
CA GLY B 36 16.71 -9.96 3.28
C GLY B 36 16.74 -10.29 4.76
N ALA B 37 15.63 -10.13 5.48
CA ALA B 37 15.60 -10.42 6.91
C ALA B 37 15.38 -11.91 7.12
N GLN B 38 16.37 -12.58 7.73
CA GLN B 38 16.25 -14.02 7.96
C GLN B 38 15.26 -14.34 9.05
N TYR B 39 15.18 -13.51 10.08
CA TYR B 39 14.30 -13.71 11.21
C TYR B 39 13.21 -12.64 11.22
N PRO B 40 12.01 -12.94 11.74
CA PRO B 40 11.64 -14.19 12.42
C PRO B 40 11.54 -15.42 11.53
N GLN B 41 11.80 -16.58 12.13
CA GLN B 41 11.67 -17.87 11.45
C GLN B 41 10.63 -18.71 12.16
N ILE B 42 9.86 -19.44 11.36
CA ILE B 42 8.86 -20.37 11.87
C ILE B 42 9.54 -21.73 11.99
N LEU B 43 9.51 -22.31 13.18
CA LEU B 43 10.15 -23.58 13.45
C LEU B 43 9.10 -24.69 13.43
N SER B 44 9.57 -25.92 13.60
CA SER B 44 8.64 -27.04 13.69
C SER B 44 7.70 -26.83 14.88
N GLY B 45 6.44 -27.22 14.71
CA GLY B 45 5.42 -26.97 15.71
C GLY B 45 4.86 -25.57 15.71
N ASN B 46 5.25 -24.73 14.75
CA ASN B 46 4.80 -23.34 14.63
C ASN B 46 5.28 -22.46 15.77
N ARG B 47 6.35 -22.85 16.45
CA ARG B 47 7.07 -21.92 17.31
C ARG B 47 7.79 -20.91 16.43
N VAL B 48 7.98 -19.69 16.94
CA VAL B 48 8.60 -18.62 16.14
C VAL B 48 9.85 -18.16 16.85
N LEU B 49 10.94 -18.05 16.09
CA LEU B 49 12.23 -17.58 16.59
C LEU B 49 12.40 -16.13 16.15
N PHE B 50 12.43 -15.22 17.13
CA PHE B 50 12.65 -13.80 16.91
C PHE B 50 14.05 -13.43 17.34
N ARG B 51 14.68 -12.51 16.60
CA ARG B 51 15.96 -11.93 16.96
C ARG B 51 15.95 -10.45 16.65
N ILE B 52 16.71 -9.68 17.42
CA ILE B 52 16.86 -8.25 17.17
C ILE B 52 18.18 -7.78 17.77
N LYS B 53 18.82 -6.84 17.10
N LYS B 53 18.83 -6.84 17.09
CA LYS B 53 20.03 -6.21 17.63
CA LYS B 53 20.02 -6.20 17.64
C LYS B 53 19.63 -5.00 18.45
C LYS B 53 19.59 -5.01 18.47
N ALA B 54 19.96 -5.02 19.75
CA ALA B 54 19.56 -3.97 20.67
C ALA B 54 20.54 -3.95 21.83
N PRO B 55 21.80 -3.61 21.57
CA PRO B 55 22.82 -3.77 22.62
C PRO B 55 22.59 -2.93 23.86
N ASP B 56 21.93 -1.78 23.72
CA ASP B 56 21.77 -0.86 24.85
C ASP B 56 20.38 -0.92 25.49
N ALA B 57 19.49 -1.80 25.03
CA ALA B 57 18.17 -1.89 25.64
C ALA B 57 18.26 -2.49 27.04
N LYS B 58 17.32 -2.09 27.91
CA LYS B 58 17.17 -2.76 29.20
C LYS B 58 16.35 -4.03 29.12
N ARG B 59 15.30 -4.01 28.32
CA ARG B 59 14.37 -5.12 28.24
C ARG B 59 13.89 -5.18 26.80
N VAL B 60 13.83 -6.40 26.27
CA VAL B 60 13.30 -6.63 24.92
C VAL B 60 12.28 -7.74 25.02
N GLN B 61 11.05 -7.46 24.59
CA GLN B 61 9.99 -8.46 24.57
C GLN B 61 9.39 -8.53 23.18
N VAL B 62 8.74 -9.66 22.89
CA VAL B 62 7.87 -9.77 21.73
C VAL B 62 6.47 -10.13 22.23
N ASP B 63 5.47 -9.47 21.68
CA ASP B 63 4.07 -9.71 22.05
C ASP B 63 3.39 -10.38 20.86
N LEU B 64 3.27 -11.70 20.93
CA LEU B 64 2.60 -12.49 19.89
C LEU B 64 1.83 -13.59 20.62
N GLY B 65 0.52 -13.38 20.75
CA GLY B 65 -0.29 -14.24 21.60
C GLY B 65 -0.18 -13.80 23.05
N LYS B 66 1.02 -13.91 23.61
CA LYS B 66 1.36 -13.38 24.92
C LYS B 66 2.70 -12.68 24.80
N LYS B 67 3.12 -12.02 25.87
CA LYS B 67 4.42 -11.37 25.91
C LYS B 67 5.50 -12.37 26.32
N TYR B 68 6.62 -12.35 25.61
CA TYR B 68 7.79 -13.15 25.93
C TYR B 68 8.98 -12.22 26.14
N ASP B 69 9.78 -12.49 27.16
CA ASP B 69 11.03 -11.77 27.32
C ASP B 69 12.12 -12.42 26.49
N MET B 70 12.77 -11.63 25.63
CA MET B 70 13.95 -12.10 24.95
C MET B 70 15.13 -12.16 25.93
N VAL B 71 16.14 -12.92 25.54
CA VAL B 71 17.36 -13.07 26.33
C VAL B 71 18.53 -12.61 25.48
N ARG B 72 19.57 -12.11 26.15
CA ARG B 72 20.72 -11.56 25.43
C ARG B 72 21.55 -12.66 24.80
N GLU B 73 21.93 -12.47 23.55
CA GLU B 73 22.87 -13.38 22.88
C GLU B 73 24.09 -12.59 22.42
N GLU B 74 24.68 -12.98 21.29
CA GLU B 74 25.98 -12.45 20.91
C GLU B 74 25.86 -11.15 20.14
N GLU B 75 26.86 -10.29 20.34
CA GLU B 75 27.02 -9.06 19.56
C GLU B 75 25.84 -8.10 19.71
N GLY B 76 25.39 -7.92 20.94
CA GLY B 76 24.28 -7.03 21.21
C GLY B 76 22.91 -7.52 20.78
N SER B 77 22.78 -8.77 20.38
N SER B 77 22.77 -8.76 20.36
CA SER B 77 21.51 -9.31 19.93
CA SER B 77 21.48 -9.25 19.92
C SER B 77 20.70 -9.86 21.10
C SER B 77 20.71 -9.91 21.05
N TRP B 78 19.40 -9.97 20.88
CA TRP B 78 18.48 -10.64 21.79
C TRP B 78 17.65 -11.60 20.96
N ALA B 79 17.17 -12.68 21.60
CA ALA B 79 16.38 -13.67 20.87
C ALA B 79 15.44 -14.40 21.80
N ILE B 80 14.41 -15.00 21.21
CA ILE B 80 13.50 -15.87 21.96
C ILE B 80 12.79 -16.77 20.97
N THR B 81 12.44 -17.97 21.43
CA THR B 81 11.56 -18.88 20.70
C THR B 81 10.25 -18.95 21.46
N THR B 82 9.15 -18.66 20.77
CA THR B 82 7.84 -18.65 21.40
C THR B 82 7.31 -20.08 21.56
N ASP B 83 6.20 -20.18 22.28
CA ASP B 83 5.39 -21.39 22.24
C ASP B 83 4.74 -21.48 20.86
N PRO B 84 4.14 -22.63 20.53
CA PRO B 84 3.43 -22.73 19.26
C PRO B 84 2.41 -21.61 19.11
N ILE B 85 2.39 -21.01 17.91
CA ILE B 85 1.49 -19.91 17.56
C ILE B 85 0.40 -20.47 16.66
N VAL B 86 -0.83 -20.04 16.90
N VAL B 86 -0.84 -20.06 16.90
CA VAL B 86 -1.97 -20.47 16.08
CA VAL B 86 -1.94 -20.55 16.08
C VAL B 86 -1.72 -20.07 14.62
C VAL B 86 -1.76 -20.07 14.64
N GLU B 87 -2.18 -20.92 13.70
CA GLU B 87 -2.03 -20.61 12.29
C GLU B 87 -2.85 -19.37 11.93
N GLY B 88 -2.36 -18.65 10.92
CA GLY B 88 -3.05 -17.47 10.43
C GLY B 88 -2.19 -16.22 10.47
N PHE B 89 -2.84 -15.06 10.39
CA PHE B 89 -2.19 -13.77 10.42
C PHE B 89 -2.33 -13.16 11.81
N HIS B 90 -1.25 -12.59 12.33
CA HIS B 90 -1.31 -11.94 13.63
C HIS B 90 -0.60 -10.60 13.57
N TYR B 91 -1.27 -9.56 14.03
CA TYR B 91 -0.53 -8.35 14.40
C TYR B 91 0.36 -8.69 15.58
N TYR B 92 1.54 -8.06 15.65
CA TYR B 92 2.41 -8.26 16.80
C TYR B 92 3.27 -7.02 16.98
N SER B 93 3.97 -6.96 18.11
N SER B 93 3.94 -6.95 18.13
CA SER B 93 4.86 -5.85 18.38
CA SER B 93 4.85 -5.85 18.43
C SER B 93 6.10 -6.35 19.10
C SER B 93 6.11 -6.38 19.07
N ILE B 94 7.18 -5.61 18.92
CA ILE B 94 8.35 -5.73 19.77
C ILE B 94 8.19 -4.68 20.86
N LEU B 95 8.64 -4.99 22.07
CA LEU B 95 8.61 -4.04 23.17
C LEU B 95 10.05 -3.77 23.58
N ILE B 96 10.50 -2.52 23.40
N ILE B 96 10.50 -2.52 23.42
CA ILE B 96 11.78 -2.06 23.93
CA ILE B 96 11.79 -2.09 23.94
C ILE B 96 11.49 -1.25 25.17
C ILE B 96 11.51 -1.24 25.17
N ASP B 97 11.99 -1.72 26.33
CA ASP B 97 11.72 -1.06 27.61
C ASP B 97 10.22 -0.81 27.79
N GLY B 98 9.41 -1.80 27.38
CA GLY B 98 7.98 -1.70 27.49
C GLY B 98 7.29 -0.86 26.43
N VAL B 99 8.02 -0.32 25.46
CA VAL B 99 7.43 0.52 24.41
C VAL B 99 7.10 -0.37 23.21
N ALA B 100 5.81 -0.41 22.84
CA ALA B 100 5.36 -1.22 21.71
C ALA B 100 5.65 -0.53 20.40
N VAL B 101 6.45 -1.17 19.54
CA VAL B 101 6.88 -0.59 18.28
C VAL B 101 6.86 -1.66 17.19
N CYS B 102 7.05 -1.20 15.96
CA CYS B 102 7.17 -2.13 14.83
C CYS B 102 8.49 -2.89 14.90
N ASP B 103 8.44 -4.16 14.56
CA ASP B 103 9.66 -4.96 14.41
C ASP B 103 10.36 -4.54 13.12
N PRO B 104 11.59 -4.03 13.18
CA PRO B 104 12.29 -3.65 11.93
C PRO B 104 12.39 -4.77 10.92
N ALA B 105 12.26 -6.03 11.34
CA ALA B 105 12.41 -7.17 10.45
C ALA B 105 11.16 -7.49 9.61
N SER B 106 10.01 -6.89 9.92
CA SER B 106 8.75 -7.31 9.31
C SER B 106 8.07 -6.19 8.54
N ARG B 107 7.22 -6.57 7.61
CA ARG B 107 6.32 -5.61 6.98
C ARG B 107 5.37 -5.02 8.02
N THR B 108 4.78 -3.89 7.68
CA THR B 108 3.77 -3.27 8.51
C THR B 108 2.42 -3.30 7.82
N PHE B 109 1.38 -3.17 8.64
CA PHE B 109 -0.01 -3.19 8.21
C PHE B 109 -0.74 -2.16 9.06
N TYR B 110 -1.70 -1.47 8.48
N TYR B 110 -1.74 -1.52 8.48
CA TYR B 110 -2.48 -0.53 9.28
CA TYR B 110 -2.55 -0.55 9.22
C TYR B 110 -3.53 -1.31 10.06
C TYR B 110 -3.57 -1.34 10.06
N GLY B 111 -3.31 -1.45 11.36
CA GLY B 111 -4.21 -2.16 12.24
C GLY B 111 -3.95 -1.71 13.66
N MET B 112 -4.96 -1.92 14.51
CA MET B 112 -4.89 -1.43 15.89
C MET B 112 -4.60 0.06 15.94
N SER B 113 -5.11 0.78 14.96
CA SER B 113 -5.02 2.27 14.84
C SER B 113 -3.58 2.78 14.67
N ARG B 114 -2.71 1.96 14.14
CA ARG B 114 -1.32 2.40 13.84
C ARG B 114 -0.69 1.51 12.80
N MET B 115 0.55 1.79 12.45
CA MET B 115 1.28 0.85 11.58
C MET B 115 1.85 -0.23 12.49
N ALA B 116 1.39 -1.45 12.32
CA ALA B 116 1.76 -2.53 13.21
C ALA B 116 2.45 -3.63 12.41
N SER B 117 3.42 -4.30 13.03
CA SER B 117 3.95 -5.48 12.39
C SER B 117 2.90 -6.58 12.31
N GLY B 118 3.08 -7.45 11.32
CA GLY B 118 2.27 -8.64 11.22
C GLY B 118 3.15 -9.82 10.86
N ILE B 119 2.71 -11.01 11.25
CA ILE B 119 3.39 -12.24 10.92
C ILE B 119 2.37 -13.24 10.38
N GLU B 120 2.77 -14.00 9.36
CA GLU B 120 1.94 -15.04 8.76
C GLU B 120 2.45 -16.41 9.22
N ILE B 121 1.59 -17.19 9.85
CA ILE B 121 1.86 -18.57 10.25
C ILE B 121 1.08 -19.48 9.30
N PRO B 122 1.74 -20.18 8.38
CA PRO B 122 1.01 -20.94 7.35
C PRO B 122 0.16 -22.07 7.92
N GLU B 123 -0.96 -22.34 7.25
CA GLU B 123 -1.84 -23.46 7.54
C GLU B 123 -1.44 -24.62 6.65
N GLU B 124 -1.19 -25.79 7.27
CA GLU B 124 -0.82 -26.96 6.48
C GLU B 124 -1.93 -27.33 5.51
N GLY B 125 -1.57 -27.48 4.24
CA GLY B 125 -2.49 -27.97 3.23
C GLY B 125 -3.59 -27.00 2.84
N VAL B 126 -3.47 -25.73 3.19
CA VAL B 126 -4.44 -24.71 2.82
C VAL B 126 -3.75 -23.70 1.92
N ASP B 127 -4.37 -23.38 0.79
CA ASP B 127 -3.74 -22.47 -0.16
C ASP B 127 -4.69 -21.50 -0.85
N TYR B 128 -5.95 -21.41 -0.42
CA TYR B 128 -6.92 -20.59 -1.15
C TYR B 128 -6.62 -19.10 -1.11
N TYR B 129 -5.87 -18.63 -0.11
CA TYR B 129 -5.47 -17.23 -0.03
C TYR B 129 -4.04 -16.98 -0.50
N ASN B 130 -3.42 -17.98 -1.14
CA ASN B 130 -2.08 -17.82 -1.69
C ASN B 130 -2.13 -17.58 -3.20
N LEU B 131 -1.08 -16.93 -3.70
CA LEU B 131 -0.95 -16.68 -5.13
C LEU B 131 -0.78 -18.00 -5.87
N LYS B 132 -1.47 -18.11 -7.00
CA LYS B 132 -1.41 -19.29 -7.86
C LYS B 132 -1.29 -18.82 -9.30
N ASN B 133 -0.85 -19.74 -10.16
CA ASN B 133 -0.75 -19.47 -11.60
C ASN B 133 -2.13 -19.65 -12.22
N VAL B 134 -2.99 -18.66 -11.95
CA VAL B 134 -4.34 -18.59 -12.51
C VAL B 134 -4.51 -17.18 -13.07
N PRO B 135 -5.54 -16.91 -13.88
CA PRO B 135 -5.74 -15.55 -14.36
C PRO B 135 -5.97 -14.61 -13.18
N HIS B 136 -5.35 -13.43 -13.25
CA HIS B 136 -5.34 -12.50 -12.12
C HIS B 136 -6.12 -11.24 -12.45
N GLY B 137 -6.99 -10.84 -11.52
CA GLY B 137 -7.61 -9.53 -11.57
C GLY B 137 -6.60 -8.46 -11.16
N GLN B 138 -7.10 -7.24 -11.06
CA GLN B 138 -6.26 -6.06 -10.81
C GLN B 138 -6.93 -5.18 -9.76
N ILE B 139 -6.18 -4.78 -8.75
CA ILE B 139 -6.67 -3.83 -7.75
C ILE B 139 -6.24 -2.43 -8.17
N ARG B 140 -7.22 -1.54 -8.32
CA ARG B 140 -6.99 -0.19 -8.79
C ARG B 140 -7.26 0.82 -7.68
N GLN B 141 -6.41 1.83 -7.58
CA GLN B 141 -6.63 2.92 -6.63
C GLN B 141 -7.41 4.03 -7.34
N ILE B 142 -8.55 4.41 -6.75
CA ILE B 142 -9.42 5.45 -7.27
C ILE B 142 -9.53 6.52 -6.21
N ARG B 143 -9.11 7.73 -6.53
CA ARG B 143 -9.21 8.85 -5.60
C ARG B 143 -10.45 9.69 -5.91
N TYR B 144 -11.06 10.24 -4.85
CA TYR B 144 -12.23 11.10 -5.06
C TYR B 144 -12.34 12.05 -3.87
N PHE B 145 -12.88 13.23 -4.14
CA PHE B 145 -13.11 14.21 -3.08
C PHE B 145 -14.54 14.07 -2.58
N SER B 146 -14.69 13.92 -1.27
CA SER B 146 -16.01 13.69 -0.69
C SER B 146 -16.62 15.02 -0.26
N ASP B 147 -17.82 15.30 -0.76
CA ASP B 147 -18.56 16.47 -0.31
C ASP B 147 -19.25 16.24 1.02
N VAL B 148 -19.22 15.00 1.53
CA VAL B 148 -19.70 14.74 2.89
C VAL B 148 -18.62 15.05 3.91
N THR B 149 -17.44 14.45 3.75
CA THR B 149 -16.37 14.63 4.71
C THR B 149 -15.47 15.82 4.43
N LYS B 150 -15.59 16.44 3.25
CA LYS B 150 -14.72 17.53 2.82
C LYS B 150 -13.25 17.13 2.79
N ALA B 151 -12.98 15.87 2.47
CA ALA B 151 -11.61 15.39 2.41
C ALA B 151 -11.46 14.51 1.18
N TRP B 152 -10.22 14.41 0.72
CA TRP B 152 -9.86 13.45 -0.31
C TRP B 152 -9.90 12.04 0.26
N ARG B 153 -10.55 11.15 -0.47
CA ARG B 153 -10.72 9.77 -0.08
C ARG B 153 -10.17 8.87 -1.17
N ARG B 154 -10.14 7.58 -0.89
CA ARG B 154 -9.53 6.62 -1.80
C ARG B 154 -10.22 5.28 -1.63
N ALA B 155 -10.64 4.72 -2.75
CA ALA B 155 -11.15 3.35 -2.77
C ALA B 155 -10.18 2.49 -3.56
N PHE B 156 -10.07 1.24 -3.14
CA PHE B 156 -9.41 0.23 -3.97
C PHE B 156 -10.48 -0.61 -4.63
N VAL B 157 -10.37 -0.80 -5.94
CA VAL B 157 -11.38 -1.50 -6.72
C VAL B 157 -10.70 -2.67 -7.41
N TYR B 158 -11.06 -3.87 -7.00
CA TYR B 158 -10.62 -5.08 -7.70
C TYR B 158 -11.53 -5.30 -8.90
N THR B 159 -10.90 -5.44 -10.08
CA THR B 159 -11.64 -5.95 -11.24
C THR B 159 -11.17 -7.36 -11.53
N PRO B 160 -12.07 -8.25 -11.97
CA PRO B 160 -11.69 -9.65 -12.16
C PRO B 160 -10.85 -9.82 -13.43
N ALA B 161 -10.24 -11.00 -13.54
CA ALA B 161 -9.40 -11.28 -14.69
C ALA B 161 -10.17 -11.10 -15.99
N GLY B 162 -9.50 -10.53 -16.98
CA GLY B 162 -10.12 -10.31 -18.28
C GLY B 162 -10.90 -9.03 -18.42
N TYR B 163 -11.02 -8.22 -17.36
CA TYR B 163 -11.87 -7.04 -17.39
C TYR B 163 -11.56 -6.15 -18.59
N ASP B 164 -10.28 -5.81 -18.79
CA ASP B 164 -9.94 -4.87 -19.86
C ASP B 164 -10.22 -5.43 -21.24
N ALA B 165 -10.09 -6.75 -21.42
CA ALA B 165 -10.29 -7.36 -22.74
C ALA B 165 -11.75 -7.69 -23.05
N ASN B 166 -12.62 -7.75 -22.05
CA ASN B 166 -14.02 -8.14 -22.22
C ASN B 166 -14.93 -6.91 -22.14
N THR B 167 -14.79 -6.01 -23.12
CA THR B 167 -15.41 -4.69 -22.99
C THR B 167 -16.93 -4.69 -23.05
N SER B 168 -17.54 -5.81 -23.44
N SER B 168 -17.54 -5.82 -23.44
CA SER B 168 -19.02 -5.82 -23.47
CA SER B 168 -19.02 -5.89 -23.49
C SER B 168 -19.56 -6.56 -22.23
C SER B 168 -19.55 -6.49 -22.19
N GLN B 169 -18.67 -7.02 -21.37
CA GLN B 169 -19.12 -7.71 -20.15
C GLN B 169 -19.32 -6.72 -19.00
N ARG B 170 -20.39 -6.92 -18.25
CA ARG B 170 -20.68 -6.14 -17.03
C ARG B 170 -20.64 -7.08 -15.83
N TYR B 171 -20.43 -6.52 -14.64
CA TYR B 171 -20.11 -7.33 -13.48
C TYR B 171 -20.90 -6.90 -12.25
N PRO B 172 -21.24 -7.85 -11.38
CA PRO B 172 -21.82 -7.50 -10.08
C PRO B 172 -20.71 -6.97 -9.17
N VAL B 173 -21.13 -6.33 -8.06
CA VAL B 173 -20.19 -5.62 -7.19
C VAL B 173 -20.42 -6.00 -5.74
N LEU B 174 -19.32 -6.28 -5.05
CA LEU B 174 -19.28 -6.44 -3.59
C LEU B 174 -18.53 -5.26 -2.98
N TYR B 175 -19.19 -4.57 -2.04
CA TYR B 175 -18.56 -3.52 -1.24
C TYR B 175 -18.11 -4.17 0.06
N LEU B 176 -16.81 -4.10 0.34
CA LEU B 176 -16.18 -4.93 1.37
C LEU B 176 -15.38 -4.05 2.33
N GLN B 177 -15.76 -4.06 3.61
CA GLN B 177 -15.24 -3.12 4.61
C GLN B 177 -14.36 -3.78 5.68
N HIS B 178 -13.34 -3.03 6.11
CA HIS B 178 -12.39 -3.43 7.13
C HIS B 178 -12.96 -3.18 8.54
N GLY B 179 -12.18 -3.49 9.57
CA GLY B 179 -12.63 -3.35 10.94
C GLY B 179 -12.14 -2.07 11.61
N GLY B 180 -12.54 -1.91 12.86
CA GLY B 180 -12.06 -0.78 13.63
C GLY B 180 -10.55 -0.80 13.75
N GLY B 181 -9.93 0.37 13.69
CA GLY B 181 -8.48 0.47 13.75
C GLY B 181 -7.75 0.10 12.47
N GLU B 182 -8.47 -0.16 11.39
CA GLU B 182 -7.92 -0.51 10.09
C GLU B 182 -8.31 0.56 9.07
N ASP B 183 -7.94 0.34 7.82
CA ASP B 183 -8.29 1.27 6.75
C ASP B 183 -8.49 0.49 5.46
N GLU B 184 -8.63 1.21 4.34
CA GLU B 184 -8.93 0.59 3.06
C GLU B 184 -7.82 -0.32 2.55
N THR B 185 -6.61 -0.26 3.11
CA THR B 185 -5.55 -1.18 2.71
C THR B 185 -5.67 -2.55 3.35
N GLY B 186 -6.65 -2.74 4.23
CA GLY B 186 -6.76 -3.97 5.00
C GLY B 186 -7.08 -5.21 4.17
N TRP B 187 -8.19 -5.18 3.45
CA TRP B 187 -8.53 -6.35 2.63
C TRP B 187 -7.48 -6.67 1.57
N PRO B 188 -6.87 -5.69 0.87
CA PRO B 188 -5.82 -6.06 -0.09
C PRO B 188 -4.59 -6.69 0.57
N ASN B 189 -4.25 -6.30 1.79
CA ASN B 189 -3.00 -6.75 2.42
C ASN B 189 -3.27 -7.87 3.42
N GLN B 190 -3.70 -7.52 4.63
CA GLN B 190 -4.06 -8.53 5.63
C GLN B 190 -5.04 -9.55 5.08
N GLY B 191 -6.00 -9.09 4.28
CA GLY B 191 -7.03 -10.00 3.79
C GLY B 191 -6.66 -10.86 2.60
N LYS B 192 -5.55 -10.56 1.92
CA LYS B 192 -5.13 -11.32 0.73
C LYS B 192 -6.30 -11.49 -0.24
N MET B 193 -7.10 -10.42 -0.40
CA MET B 193 -8.38 -10.57 -1.08
C MET B 193 -8.22 -10.95 -2.55
N ASP B 194 -7.16 -10.46 -3.21
CA ASP B 194 -7.07 -10.73 -4.64
C ASP B 194 -6.81 -12.20 -4.91
N ALA B 195 -6.02 -12.85 -4.05
CA ALA B 195 -5.81 -14.30 -4.17
C ALA B 195 -7.11 -15.05 -3.90
N ILE B 196 -7.82 -14.68 -2.84
CA ILE B 196 -9.05 -15.37 -2.50
C ILE B 196 -10.03 -15.30 -3.66
N ILE B 197 -10.26 -14.09 -4.19
CA ILE B 197 -11.25 -13.93 -5.26
C ILE B 197 -10.73 -14.50 -6.58
N ASP B 198 -9.46 -14.22 -6.94
CA ASP B 198 -8.91 -14.80 -8.16
C ASP B 198 -9.06 -16.32 -8.14
N ASN B 199 -8.76 -16.94 -6.99
CA ASN B 199 -8.76 -18.40 -6.93
C ASN B 199 -10.16 -18.96 -7.01
N LEU B 200 -11.13 -18.32 -6.34
CA LEU B 200 -12.52 -18.77 -6.44
C LEU B 200 -13.03 -18.68 -7.87
N ILE B 201 -12.75 -17.56 -8.54
CA ILE B 201 -13.20 -17.40 -9.91
C ILE B 201 -12.56 -18.44 -10.82
N ALA B 202 -11.24 -18.63 -10.69
CA ALA B 202 -10.55 -19.56 -11.57
C ALA B 202 -11.09 -20.99 -11.42
N GLU B 203 -11.47 -21.38 -10.21
CA GLU B 203 -12.01 -22.71 -9.95
C GLU B 203 -13.49 -22.82 -10.26
N GLY B 204 -14.13 -21.75 -10.74
CA GLY B 204 -15.55 -21.79 -11.02
C GLY B 204 -16.44 -21.77 -9.80
N LYS B 205 -15.90 -21.44 -8.63
CA LYS B 205 -16.67 -21.43 -7.39
C LYS B 205 -17.34 -20.09 -7.09
N ALA B 206 -16.87 -19.00 -7.69
CA ALA B 206 -17.52 -17.70 -7.56
C ALA B 206 -17.66 -17.09 -8.95
N LYS B 207 -18.70 -16.28 -9.12
CA LYS B 207 -18.89 -15.52 -10.35
C LYS B 207 -17.87 -14.39 -10.42
N PRO B 208 -17.37 -14.04 -11.60
CA PRO B 208 -16.56 -12.83 -11.73
C PRO B 208 -17.31 -11.65 -11.13
N MET B 209 -16.60 -10.86 -10.34
CA MET B 209 -17.20 -9.76 -9.63
C MET B 209 -16.16 -8.68 -9.41
N ILE B 210 -16.63 -7.44 -9.28
CA ILE B 210 -15.84 -6.30 -8.86
C ILE B 210 -15.97 -6.21 -7.35
N VAL B 211 -14.88 -5.87 -6.67
CA VAL B 211 -14.87 -5.71 -5.22
C VAL B 211 -14.34 -4.33 -4.88
N VAL B 212 -15.09 -3.57 -4.07
CA VAL B 212 -14.77 -2.19 -3.75
C VAL B 212 -14.46 -2.12 -2.28
N MET B 213 -13.30 -1.55 -1.93
CA MET B 213 -12.82 -1.50 -0.56
C MET B 213 -12.51 -0.04 -0.22
N ASP B 214 -13.30 0.54 0.67
CA ASP B 214 -13.17 1.95 1.06
C ASP B 214 -12.84 2.05 2.56
N ASN B 215 -12.91 3.25 3.09
CA ASN B 215 -12.54 3.53 4.47
C ASN B 215 -13.79 3.69 5.33
N GLY B 216 -13.86 2.92 6.43
CA GLY B 216 -15.02 2.90 7.28
C GLY B 216 -15.13 4.06 8.24
N TYR B 217 -14.21 5.01 8.17
CA TYR B 217 -14.30 6.23 8.96
C TYR B 217 -14.73 7.37 8.06
N ALA B 218 -15.79 8.05 8.45
CA ALA B 218 -16.30 9.19 7.69
C ALA B 218 -16.93 10.12 8.72
N VAL B 219 -16.35 11.30 8.86
CA VAL B 219 -16.88 12.32 9.74
C VAL B 219 -17.36 13.47 8.87
N ASP B 220 -18.62 13.86 9.03
CA ASP B 220 -19.14 15.03 8.35
C ASP B 220 -18.82 16.23 9.24
N PRO B 221 -17.83 17.05 8.88
CA PRO B 221 -17.48 18.18 9.76
C PRO B 221 -18.56 19.26 9.81
N SER B 222 -19.55 19.22 8.92
CA SER B 222 -20.67 20.15 8.96
C SER B 222 -21.77 19.72 9.92
N ALA B 223 -21.65 18.55 10.54
CA ALA B 223 -22.63 18.09 11.51
C ALA B 223 -22.17 18.40 12.93
N ASN B 238 -23.45 5.32 11.73
CA ASN B 238 -22.85 6.53 11.15
C ASN B 238 -23.67 6.99 9.97
N SER B 239 -24.37 8.13 10.15
CA SER B 239 -25.09 8.71 9.03
C SER B 239 -24.12 9.23 7.97
N ALA B 240 -22.94 9.71 8.37
CA ALA B 240 -21.98 10.22 7.39
C ALA B 240 -21.47 9.11 6.48
N LEU B 241 -21.08 7.96 7.03
CA LEU B 241 -20.60 6.88 6.17
C LEU B 241 -21.70 6.39 5.22
N GLU B 242 -22.94 6.28 5.72
N GLU B 242 -22.93 6.27 5.73
CA GLU B 242 -24.04 5.88 4.85
CA GLU B 242 -24.02 5.88 4.84
C GLU B 242 -24.18 6.85 3.68
C GLU B 242 -24.17 6.85 3.68
N LYS B 243 -24.08 8.16 3.95
CA LYS B 243 -24.19 9.14 2.88
C LYS B 243 -23.03 9.02 1.91
N VAL B 244 -21.83 8.78 2.41
CA VAL B 244 -20.69 8.57 1.52
C VAL B 244 -20.94 7.38 0.59
N PHE B 245 -21.42 6.27 1.13
CA PHE B 245 -21.65 5.10 0.28
C PHE B 245 -22.76 5.35 -0.72
N ILE B 246 -23.90 5.85 -0.25
CA ILE B 246 -25.08 5.93 -1.12
C ILE B 246 -24.92 7.04 -2.14
N ASN B 247 -24.31 8.16 -1.74
CA ASN B 247 -24.26 9.32 -2.61
C ASN B 247 -22.93 9.49 -3.33
N GLU B 248 -21.88 8.80 -2.91
CA GLU B 248 -20.58 9.00 -3.52
C GLU B 248 -19.93 7.71 -4.03
N ILE B 249 -19.76 6.69 -3.17
CA ILE B 249 -18.98 5.51 -3.55
C ILE B 249 -19.73 4.68 -4.59
N ILE B 250 -20.98 4.33 -4.31
CA ILE B 250 -21.76 3.56 -5.29
C ILE B 250 -21.89 4.30 -6.61
N PRO B 251 -22.26 5.58 -6.64
CA PRO B 251 -22.26 6.29 -7.94
C PRO B 251 -20.90 6.34 -8.61
N LEU B 252 -19.81 6.49 -7.84
CA LEU B 252 -18.48 6.52 -8.45
C LEU B 252 -18.18 5.20 -9.14
N VAL B 253 -18.41 4.08 -8.43
CA VAL B 253 -18.08 2.79 -9.01
C VAL B 253 -18.96 2.52 -10.23
N ASP B 254 -20.24 2.87 -10.14
CA ASP B 254 -21.17 2.59 -11.23
C ASP B 254 -20.93 3.47 -12.45
N LYS B 255 -20.25 4.61 -12.30
CA LYS B 255 -19.93 5.43 -13.47
C LYS B 255 -18.53 5.21 -14.00
N GLU B 256 -17.63 4.65 -13.19
CA GLU B 256 -16.26 4.43 -13.63
C GLU B 256 -16.01 3.01 -14.12
N PHE B 257 -16.90 2.07 -13.78
CA PHE B 257 -16.70 0.67 -14.12
C PHE B 257 -17.97 0.11 -14.74
N ARG B 258 -17.80 -1.01 -15.44
CA ARG B 258 -18.92 -1.67 -16.12
C ARG B 258 -19.61 -2.59 -15.13
N THR B 259 -20.48 -2.01 -14.30
CA THR B 259 -21.21 -2.78 -13.29
C THR B 259 -22.62 -3.07 -13.76
N ILE B 260 -23.21 -4.08 -13.13
CA ILE B 260 -24.67 -4.34 -13.23
C ILE B 260 -25.25 -3.60 -12.03
N ALA B 261 -25.77 -2.42 -12.26
CA ALA B 261 -26.15 -1.52 -11.17
C ALA B 261 -27.57 -1.77 -10.66
N ASP B 262 -27.77 -2.88 -9.99
CA ASP B 262 -29.07 -3.20 -9.39
C ASP B 262 -28.84 -4.05 -8.14
N ARG B 263 -29.87 -4.14 -7.31
CA ARG B 263 -29.74 -4.83 -6.01
C ARG B 263 -29.41 -6.31 -6.16
N ASP B 264 -29.91 -6.96 -7.20
CA ASP B 264 -29.59 -8.38 -7.35
C ASP B 264 -28.13 -8.60 -7.73
N HIS B 265 -27.40 -7.53 -8.02
CA HIS B 265 -25.99 -7.61 -8.36
C HIS B 265 -25.15 -6.70 -7.47
N ARG B 266 -25.63 -6.41 -6.26
CA ARG B 266 -24.90 -5.54 -5.36
C ARG B 266 -24.93 -6.14 -3.96
N ALA B 267 -23.75 -6.28 -3.35
CA ALA B 267 -23.61 -6.88 -2.03
C ALA B 267 -22.77 -5.97 -1.16
N MET B 268 -22.98 -6.05 0.15
CA MET B 268 -22.14 -5.33 1.09
C MET B 268 -21.79 -6.23 2.27
N ALA B 269 -20.51 -6.21 2.66
CA ALA B 269 -20.06 -7.00 3.79
C ALA B 269 -18.90 -6.29 4.47
N GLY B 270 -18.66 -6.66 5.73
CA GLY B 270 -17.51 -6.11 6.41
C GLY B 270 -17.22 -6.91 7.66
N LEU B 271 -16.04 -6.68 8.22
CA LEU B 271 -15.60 -7.36 9.42
C LEU B 271 -15.64 -6.42 10.61
N SER B 272 -16.03 -6.95 11.77
CA SER B 272 -16.14 -6.17 13.01
C SER B 272 -16.95 -4.90 12.76
N MET B 273 -16.37 -3.72 13.03
CA MET B 273 -17.06 -2.46 12.76
C MET B 273 -17.66 -2.43 11.35
N GLY B 274 -16.91 -2.90 10.36
CA GLY B 274 -17.42 -2.95 9.00
C GLY B 274 -18.63 -3.85 8.83
N GLY B 275 -18.75 -4.89 9.66
CA GLY B 275 -19.97 -5.70 9.65
C GLY B 275 -21.16 -4.96 10.19
N PHE B 276 -20.99 -4.20 11.28
N PHE B 276 -20.99 -4.23 11.29
CA PHE B 276 -22.06 -3.35 11.77
CA PHE B 276 -22.04 -3.34 11.78
C PHE B 276 -22.46 -2.33 10.72
C PHE B 276 -22.45 -2.37 10.69
N GLN B 277 -21.47 -1.78 10.01
CA GLN B 277 -21.76 -0.79 8.97
C GLN B 277 -22.47 -1.43 7.78
N ALA B 278 -22.07 -2.64 7.39
CA ALA B 278 -22.72 -3.30 6.27
C ALA B 278 -24.20 -3.50 6.54
N PHE B 279 -24.55 -3.93 7.76
CA PHE B 279 -25.96 -4.11 8.08
C PHE B 279 -26.68 -2.77 8.18
N GLN B 280 -26.05 -1.77 8.80
CA GLN B 280 -26.71 -0.46 8.94
C GLN B 280 -27.02 0.12 7.56
N ILE B 281 -26.05 0.05 6.66
CA ILE B 281 -26.22 0.67 5.36
C ILE B 281 -27.14 -0.15 4.47
N ALA B 282 -26.93 -1.46 4.41
CA ALA B 282 -27.75 -2.27 3.53
C ALA B 282 -29.19 -2.38 4.02
N MET B 283 -29.39 -2.54 5.33
CA MET B 283 -30.76 -2.71 5.83
C MET B 283 -31.58 -1.44 5.72
N THR B 284 -30.94 -0.27 5.72
CA THR B 284 -31.67 0.97 5.52
C THR B 284 -31.67 1.41 4.06
N ASN B 285 -31.04 0.64 3.18
CA ASN B 285 -31.07 0.86 1.74
C ASN B 285 -31.28 -0.48 1.03
N LEU B 286 -32.30 -1.22 1.46
CA LEU B 286 -32.51 -2.55 0.93
C LEU B 286 -32.88 -2.53 -0.55
N ASP B 287 -33.36 -1.40 -1.06
CA ASP B 287 -33.59 -1.29 -2.49
C ASP B 287 -32.30 -1.32 -3.31
N LYS B 288 -31.15 -1.19 -2.66
CA LYS B 288 -29.87 -1.16 -3.36
C LYS B 288 -29.02 -2.43 -3.20
N PHE B 289 -29.34 -3.31 -2.24
CA PHE B 289 -28.54 -4.48 -1.96
C PHE B 289 -29.44 -5.67 -1.70
N ALA B 290 -29.06 -6.84 -2.23
CA ALA B 290 -29.76 -8.07 -1.91
C ALA B 290 -28.91 -9.08 -1.15
N TYR B 291 -27.65 -8.76 -0.83
CA TYR B 291 -26.76 -9.66 -0.12
C TYR B 291 -26.02 -8.84 0.93
N VAL B 292 -25.96 -9.33 2.16
CA VAL B 292 -25.33 -8.61 3.27
C VAL B 292 -24.57 -9.60 4.13
N GLY B 293 -23.35 -9.22 4.51
CA GLY B 293 -22.51 -10.07 5.36
C GLY B 293 -21.84 -9.32 6.49
N GLY B 294 -21.80 -9.93 7.67
CA GLY B 294 -21.03 -9.42 8.79
C GLY B 294 -20.09 -10.49 9.29
N PHE B 295 -18.78 -10.21 9.28
CA PHE B 295 -17.74 -11.15 9.70
C PHE B 295 -17.24 -10.67 11.07
N SER B 296 -17.68 -11.32 12.14
CA SER B 296 -17.36 -10.90 13.55
C SER B 296 -17.93 -9.51 13.84
N GLY B 297 -19.01 -9.15 13.18
CA GLY B 297 -19.66 -7.86 13.40
C GLY B 297 -21.05 -7.88 12.81
N GLY B 298 -21.91 -7.04 13.31
CA GLY B 298 -23.25 -7.00 12.74
C GLY B 298 -24.19 -6.87 13.85
N GLY B 299 -25.15 -5.95 13.63
CA GLY B 299 -26.32 -5.48 14.39
C GLY B 299 -26.18 -5.40 15.90
N ILE B 300 -26.41 -4.25 16.47
CA ILE B 300 -26.37 -4.18 17.96
C ILE B 300 -27.82 -4.28 18.48
N ILE B 301 -28.16 -5.37 19.16
CA ILE B 301 -29.54 -5.52 19.72
C ILE B 301 -29.64 -4.73 21.03
N GLY B 305 -35.91 -5.28 24.05
CA GLY B 305 -36.34 -4.39 23.00
C GLY B 305 -37.02 -5.14 21.87
N ASP B 306 -37.66 -4.43 20.95
CA ASP B 306 -38.35 -5.09 19.85
C ASP B 306 -37.37 -5.20 18.69
N PHE B 307 -36.64 -6.32 18.67
CA PHE B 307 -35.77 -6.63 17.55
C PHE B 307 -36.52 -6.56 16.22
N SER B 308 -37.82 -6.86 16.23
CA SER B 308 -38.62 -6.83 15.02
C SER B 308 -38.73 -5.45 14.40
N LYS B 309 -38.34 -4.40 15.11
CA LYS B 309 -38.40 -3.03 14.61
C LYS B 309 -37.06 -2.44 14.21
N MET B 310 -35.99 -3.23 14.29
N MET B 310 -35.99 -3.24 14.28
CA MET B 310 -34.67 -2.71 13.96
CA MET B 310 -34.66 -2.72 13.96
C MET B 310 -34.61 -2.23 12.52
C MET B 310 -34.60 -2.24 12.51
N TYR B 311 -33.77 -1.22 12.29
CA TYR B 311 -33.57 -0.65 10.96
C TYR B 311 -34.87 -0.16 10.34
N ASN B 312 -35.64 0.58 11.13
CA ASN B 312 -36.89 1.19 10.65
C ASN B 312 -37.85 0.15 10.08
N ASN B 313 -38.07 -0.92 10.84
CA ASN B 313 -39.08 -1.94 10.52
C ASN B 313 -38.75 -2.73 9.27
N VAL B 314 -37.47 -2.85 8.92
CA VAL B 314 -37.09 -3.55 7.68
C VAL B 314 -37.58 -4.99 7.71
N TRP B 315 -37.55 -5.63 8.88
CA TRP B 315 -37.99 -7.02 9.01
C TRP B 315 -39.14 -7.17 10.01
N SER B 316 -39.97 -6.13 10.14
CA SER B 316 -41.18 -6.26 10.95
C SER B 316 -42.07 -7.38 10.43
N ASP B 317 -41.99 -7.66 9.13
CA ASP B 317 -42.72 -8.74 8.48
C ASP B 317 -41.67 -9.69 7.92
N VAL B 318 -41.41 -10.78 8.66
CA VAL B 318 -40.28 -11.64 8.36
C VAL B 318 -40.43 -12.32 7.00
N ASP B 319 -41.62 -12.83 6.69
CA ASP B 319 -41.78 -13.57 5.44
C ASP B 319 -41.55 -12.68 4.22
N THR B 320 -41.99 -11.43 4.30
CA THR B 320 -41.78 -10.51 3.19
C THR B 320 -40.30 -10.14 3.08
N PHE B 321 -39.65 -9.90 4.20
CA PHE B 321 -38.22 -9.61 4.20
C PHE B 321 -37.42 -10.76 3.58
N ASN B 322 -37.76 -12.01 3.95
CA ASN B 322 -37.04 -13.15 3.39
C ASN B 322 -37.15 -13.20 1.87
N LYS B 323 -38.29 -12.77 1.31
N LYS B 323 -38.28 -12.73 1.32
CA LYS B 323 -38.45 -12.77 -0.14
CA LYS B 323 -38.42 -12.69 -0.13
C LYS B 323 -37.54 -11.74 -0.80
C LYS B 323 -37.53 -11.63 -0.76
N ARG B 324 -37.24 -10.64 -0.10
N ARG B 324 -37.27 -10.53 -0.05
CA ARG B 324 -36.51 -9.52 -0.68
CA ARG B 324 -36.48 -9.44 -0.59
C ARG B 324 -35.01 -9.71 -0.62
C ARG B 324 -35.01 -9.82 -0.71
N VAL B 325 -34.49 -10.54 0.28
CA VAL B 325 -33.07 -10.68 0.49
C VAL B 325 -32.60 -12.03 -0.02
N LYS B 326 -31.54 -12.01 -0.83
CA LYS B 326 -30.99 -13.25 -1.36
C LYS B 326 -30.00 -13.91 -0.40
N LEU B 327 -29.29 -13.12 0.42
CA LEU B 327 -28.35 -13.70 1.37
C LEU B 327 -28.14 -12.76 2.54
N ILE B 328 -28.25 -13.29 3.75
CA ILE B 328 -27.73 -12.69 4.97
C ILE B 328 -26.70 -13.67 5.51
N TYR B 329 -25.50 -13.18 5.82
CA TYR B 329 -24.40 -14.02 6.28
C TYR B 329 -23.79 -13.42 7.53
N LEU B 330 -23.56 -14.26 8.53
CA LEU B 330 -22.91 -13.85 9.77
C LEU B 330 -21.86 -14.90 10.12
N SER B 331 -20.69 -14.45 10.56
CA SER B 331 -19.65 -15.36 11.00
C SER B 331 -18.97 -14.83 12.26
N ILE B 332 -18.27 -15.73 12.95
CA ILE B 332 -17.55 -15.43 14.18
C ILE B 332 -16.56 -16.56 14.40
N GLY B 333 -15.40 -16.24 14.97
CA GLY B 333 -14.46 -17.29 15.38
C GLY B 333 -14.87 -17.89 16.72
N THR B 334 -14.63 -19.20 16.86
CA THR B 334 -15.01 -19.85 18.11
C THR B 334 -14.14 -19.40 19.28
N ALA B 335 -12.97 -18.83 19.01
CA ALA B 335 -12.04 -18.40 20.05
C ALA B 335 -12.02 -16.89 20.25
N GLU B 336 -13.04 -16.17 19.77
CA GLU B 336 -13.05 -14.72 19.91
C GLU B 336 -13.30 -14.31 21.37
N PRO B 337 -12.83 -13.12 21.76
CA PRO B 337 -13.19 -12.60 23.09
C PRO B 337 -14.70 -12.63 23.30
N THR B 338 -15.10 -12.96 24.53
CA THR B 338 -16.50 -13.26 24.82
C THR B 338 -17.42 -12.11 24.42
N ASN B 339 -17.00 -10.86 24.65
CA ASN B 339 -17.87 -9.74 24.32
C ASN B 339 -18.12 -9.65 22.82
N MET B 340 -17.09 -9.92 22.01
CA MET B 340 -17.27 -9.88 20.57
C MET B 340 -18.07 -11.07 20.07
N TYR B 341 -17.78 -12.27 20.60
CA TYR B 341 -18.58 -13.43 20.26
C TYR B 341 -20.05 -13.19 20.57
N GLN B 342 -20.36 -12.65 21.75
CA GLN B 342 -21.74 -12.56 22.20
C GLN B 342 -22.57 -11.63 21.33
N THR B 343 -22.02 -10.47 20.96
N THR B 343 -22.02 -10.47 20.94
CA THR B 343 -22.74 -9.52 20.13
CA THR B 343 -22.81 -9.54 20.14
C THR B 343 -23.21 -10.16 18.82
C THR B 343 -23.22 -10.14 18.80
N VAL B 344 -22.30 -10.85 18.13
CA VAL B 344 -22.64 -11.46 16.86
C VAL B 344 -23.54 -12.67 17.05
N ASN B 345 -23.21 -13.52 18.02
CA ASN B 345 -24.03 -14.70 18.27
C ASN B 345 -25.45 -14.32 18.66
N ASN B 346 -25.61 -13.27 19.46
CA ASN B 346 -26.95 -12.82 19.84
C ASN B 346 -27.74 -12.27 18.65
N PHE B 347 -27.07 -11.63 17.70
CA PHE B 347 -27.72 -11.21 16.46
C PHE B 347 -28.25 -12.42 15.70
N HIS B 348 -27.39 -13.43 15.54
CA HIS B 348 -27.81 -14.70 14.95
C HIS B 348 -28.98 -15.31 15.71
N LYS B 349 -28.94 -15.29 17.04
CA LYS B 349 -30.00 -15.88 17.84
C LYS B 349 -31.33 -15.19 17.60
N GLU B 350 -31.31 -13.85 17.46
CA GLU B 350 -32.54 -13.14 17.15
C GLU B 350 -33.05 -13.49 15.75
N PHE B 351 -32.14 -13.63 14.78
CA PHE B 351 -32.56 -14.08 13.46
C PHE B 351 -33.21 -15.47 13.52
N GLU B 352 -32.61 -16.38 14.30
CA GLU B 352 -33.17 -17.72 14.43
C GLU B 352 -34.56 -17.67 15.06
N LYS B 353 -34.71 -16.89 16.14
CA LYS B 353 -36.01 -16.77 16.79
C LYS B 353 -37.07 -16.23 15.83
N ALA B 354 -36.72 -15.20 15.06
CA ALA B 354 -37.68 -14.55 14.16
C ALA B 354 -37.95 -15.34 12.90
N GLY B 355 -37.10 -16.31 12.57
CA GLY B 355 -37.24 -17.01 11.30
C GLY B 355 -36.67 -16.27 10.11
N ILE B 356 -35.75 -15.34 10.35
CA ILE B 356 -35.08 -14.62 9.26
C ILE B 356 -34.00 -15.54 8.70
N LYS B 357 -34.12 -15.88 7.42
CA LYS B 357 -33.21 -16.84 6.81
C LYS B 357 -31.82 -16.23 6.66
N HIS B 358 -30.80 -16.99 7.06
CA HIS B 358 -29.44 -16.51 6.97
C HIS B 358 -28.48 -17.69 7.04
N VAL B 359 -27.23 -17.43 6.69
CA VAL B 359 -26.13 -18.37 6.88
C VAL B 359 -25.34 -17.90 8.08
N TYR B 360 -25.01 -18.84 8.98
CA TYR B 360 -24.22 -18.55 10.16
C TYR B 360 -23.05 -19.51 10.15
N TYR B 361 -21.84 -18.98 10.31
CA TYR B 361 -20.63 -19.80 10.29
C TYR B 361 -19.82 -19.47 11.53
N GLU B 362 -19.46 -20.51 12.29
CA GLU B 362 -18.51 -20.35 13.39
C GLU B 362 -17.18 -20.96 12.94
N SER B 363 -16.15 -20.12 12.78
CA SER B 363 -14.83 -20.52 12.30
C SER B 363 -14.07 -21.24 13.41
N PRO B 364 -13.81 -22.54 13.28
CA PRO B 364 -13.23 -23.28 14.41
C PRO B 364 -11.77 -22.93 14.67
N GLY B 365 -11.46 -22.61 15.93
CA GLY B 365 -10.10 -22.43 16.35
C GLY B 365 -9.49 -21.08 16.07
N THR B 366 -10.25 -20.11 15.56
CA THR B 366 -9.71 -18.81 15.27
C THR B 366 -10.43 -17.74 16.10
N SER B 367 -9.76 -16.60 16.24
N SER B 367 -9.77 -16.60 16.27
CA SER B 367 -10.20 -15.53 17.11
CA SER B 367 -10.27 -15.54 17.12
C SER B 367 -10.56 -14.29 16.27
C SER B 367 -10.61 -14.29 16.28
N HIS B 368 -10.45 -13.11 16.86
CA HIS B 368 -10.82 -11.85 16.21
C HIS B 368 -9.63 -11.37 15.39
N GLU B 369 -9.31 -12.15 14.36
CA GLU B 369 -8.09 -11.99 13.58
C GLU B 369 -8.36 -12.38 12.14
N TRP B 370 -7.39 -12.06 11.29
CA TRP B 370 -7.67 -12.04 9.85
C TRP B 370 -7.96 -13.41 9.26
N LEU B 371 -7.47 -14.51 9.83
CA LEU B 371 -7.82 -15.81 9.25
C LEU B 371 -9.33 -16.05 9.29
N THR B 372 -9.99 -15.65 10.39
CA THR B 372 -11.44 -15.74 10.47
C THR B 372 -12.09 -15.01 9.32
N TRP B 373 -11.52 -13.85 8.95
CA TRP B 373 -12.12 -13.00 7.94
C TRP B 373 -11.79 -13.47 6.52
N ARG B 374 -10.60 -14.03 6.31
CA ARG B 374 -10.28 -14.67 5.03
C ARG B 374 -11.21 -15.84 4.79
N ARG B 375 -11.43 -16.68 5.81
CA ARG B 375 -12.36 -17.81 5.66
C ARG B 375 -13.76 -17.30 5.34
N SER B 376 -14.19 -16.22 6.01
CA SER B 376 -15.52 -15.67 5.78
C SER B 376 -15.67 -15.15 4.36
N LEU B 377 -14.68 -14.42 3.86
CA LEU B 377 -14.80 -13.93 2.49
C LEU B 377 -14.84 -15.09 1.50
N ASN B 378 -14.04 -16.12 1.74
CA ASN B 378 -14.05 -17.28 0.86
C ASN B 378 -15.43 -17.91 0.78
N GLN B 379 -16.08 -18.09 1.94
N GLN B 379 -16.11 -18.06 1.93
CA GLN B 379 -17.42 -18.67 1.95
CA GLN B 379 -17.43 -18.68 1.94
C GLN B 379 -18.44 -17.71 1.34
C GLN B 379 -18.51 -17.73 1.41
N PHE B 380 -18.43 -16.46 1.80
CA PHE B 380 -19.44 -15.48 1.37
C PHE B 380 -19.40 -15.26 -0.13
N ALA B 381 -18.21 -15.08 -0.70
CA ALA B 381 -18.08 -14.79 -2.11
C ALA B 381 -18.61 -15.93 -2.98
N GLU B 382 -18.50 -17.16 -2.51
CA GLU B 382 -19.02 -18.30 -3.26
C GLU B 382 -20.54 -18.28 -3.33
N LEU B 383 -21.22 -17.65 -2.37
CA LEU B 383 -22.67 -17.58 -2.34
C LEU B 383 -23.25 -16.41 -3.12
N LEU B 384 -22.42 -15.45 -3.53
CA LEU B 384 -22.94 -14.20 -4.08
C LEU B 384 -23.44 -14.35 -5.51
N PHE B 385 -24.52 -13.63 -5.80
CA PHE B 385 -24.97 -13.42 -7.18
C PHE B 385 -25.44 -14.73 -7.82
N LYS B 386 -25.96 -15.62 -6.98
CA LYS B 386 -26.56 -16.88 -7.37
C LYS B 386 -27.91 -16.96 -6.67
#